data_7TTI
#
_entry.id   7TTI
#
_cell.length_a   1.00
_cell.length_b   1.00
_cell.length_c   1.00
_cell.angle_alpha   90.00
_cell.angle_beta   90.00
_cell.angle_gamma   90.00
#
_symmetry.space_group_name_H-M   'P 1'
#
loop_
_entity.id
_entity.type
_entity.pdbx_description
1 polymer 'Solute carrier family 12 member 4'
2 branched 2-acetamido-2-deoxy-beta-D-glucopyranose-(1-4)-2-acetamido-2-deoxy-beta-D-glucopyranose
3 non-polymer N-cyclopropyl-N-(4-methyl-1,3-thiazol-2-yl)-2-[(6-phenylpyridazin-3-yl)sulfanyl]acetamide
#
_entity_poly.entity_id   1
_entity_poly.type   'polypeptide(L)'
_entity_poly.pdbx_seq_one_letter_code
;MPHFTVVPVDGPRRGDYDNLEGLSWVDYGERAELDDSDGHGNHRESSPFLSPLEASRGIDYYDRNLALFEEELDIRPKVS
SLLGKLVSYTNLTQGAKEHEEAESGEGTRRRAAEAPSMGTLMGVYLPCLQNIFGVILFLRLTWMVGTAGVLQALLIVLIC
CCCTLLTAISMSAIATNGVVPAGGSYFMISRSLGPEFGGAVGLCFYLGTTFAAAMYILGAIEILLTYIAPPAAIFYPSGA
HDTSNATLNNMRVYGTIFLTFMTLVVFVGVKYVNKFASLFLACVIISILSIYAGGIKSIFDPPVFPVCMLGNRTLSRDQF
DICAKTAVVDNETVATQLWSFFCHSPNLTTDSCDPYFMLNNVTEIPGIPGAAAGVLQENLWSAYLEKGDIVEKHGLPSAD
APSLKESLPLYVVADIATSFTVLVGIFFPSVTGIMAGSNRSGDLRDAQKSIPVGTILAIITTSLVYFSSVVLFGACIEGV
VLRDKYGDGVSRNLVVGTLAWPSPWVIVIGSFFSTCGAGLQSLTGAPRLLQAIAKDNIIPFLRVFGHGKVNGEPTWALLL
TALIAELGILIASLDMVAPILSMFFLMCYLFVNLACAVQTLLRTPNWRPRFKYYHWALSFLGMSLCLALMFVSSWYYALV
AMLIAGMIYKYIEYQGAEKEWGDGIRGLSLSAARYALLRLEEGPPHTKNWRPQLLVLLKLDEDLHVKYPRLLTFASQLKA
GKGLTIVGSVIQGSFLESYGEAQAAEQTIKNMMEIEKVKGFCQVVVASKVREGLAHLIQSCGLGGMRHNSVVLGWPYGWR
QSEDPRAWKTFIDTVRCTTAAHLALLVPKNIAFYPSNHERYLEGHIDVWWIVHDGGMLMLLPFLLRQHKVWRKCRMRIFT
VAQMDDNSIQMKKDLAVFLYHLRLEAEVEVVEMHNSDISAYTYERTLMMEQRSQMLRQMRLTKTEREREAQLVKDRHSAL
RLESLYSDEEDESAVGADKIQMTWTRDKYMTETWDPSHAPDNFRELVHIKPDQSNVRRMHTAVKLNEVIVTRSHDARLVL
LNMPGPPRNSEGDENYMEFLEVLTEGLERVLLVRGGGREVITIYS
;
_entity_poly.pdbx_strand_id   A,B
#
loop_
_chem_comp.id
_chem_comp.type
_chem_comp.name
_chem_comp.formula
JUX non-polymer N-cyclopropyl-N-(4-methyl-1,3-thiazol-2-yl)-2-[(6-phenylpyridazin-3-yl)sulfanyl]acetamide 'C19 H18 N4 O S2'
NAG D-saccharide, beta linking 2-acetamido-2-deoxy-beta-D-glucopyranose 'C8 H15 N O6'
#
# COMPACT_ATOMS: atom_id res chain seq x y z
N ALA A 115 39.07 7.92 21.30
CA ALA A 115 39.87 6.80 21.75
C ALA A 115 39.14 6.01 22.83
N PRO A 116 38.03 5.38 22.46
CA PRO A 116 37.25 4.62 23.42
C PRO A 116 37.66 3.15 23.47
N SER A 117 37.30 2.52 24.60
CA SER A 117 37.53 1.09 24.79
C SER A 117 36.50 0.59 25.79
N MET A 118 35.46 -0.07 25.30
CA MET A 118 34.34 -0.50 26.12
C MET A 118 34.50 -1.92 26.65
N GLY A 119 35.61 -2.59 26.37
CA GLY A 119 35.78 -3.92 26.90
C GLY A 119 34.86 -4.92 26.22
N THR A 120 34.68 -6.06 26.90
CA THR A 120 33.89 -7.16 26.36
C THR A 120 32.45 -7.11 26.86
N LEU A 121 32.26 -7.18 28.18
CA LEU A 121 30.92 -7.29 28.75
C LEU A 121 30.00 -6.20 28.20
N MET A 122 30.32 -4.94 28.48
CA MET A 122 29.48 -3.84 28.01
C MET A 122 29.70 -3.57 26.54
N GLY A 123 30.92 -3.78 26.04
CA GLY A 123 31.21 -3.43 24.66
C GLY A 123 30.40 -4.22 23.66
N VAL A 124 30.29 -5.53 23.86
CA VAL A 124 29.67 -6.40 22.86
C VAL A 124 28.56 -7.28 23.41
N TYR A 125 28.54 -7.61 24.71
CA TYR A 125 27.51 -8.51 25.20
C TYR A 125 26.20 -7.78 25.47
N LEU A 126 26.23 -6.80 26.38
CA LEU A 126 25.01 -6.09 26.75
C LEU A 126 24.30 -5.51 25.54
N PRO A 127 24.96 -4.78 24.64
CA PRO A 127 24.24 -4.23 23.48
C PRO A 127 23.54 -5.29 22.66
N CYS A 128 24.23 -6.38 22.33
CA CYS A 128 23.64 -7.41 21.50
C CYS A 128 22.42 -8.03 22.18
N LEU A 129 22.57 -8.45 23.43
CA LEU A 129 21.46 -9.08 24.14
C LEU A 129 20.29 -8.14 24.27
N GLN A 130 20.55 -6.87 24.60
CA GLN A 130 19.46 -5.93 24.82
C GLN A 130 18.78 -5.55 23.50
N ASN A 131 19.50 -5.61 22.38
CA ASN A 131 18.88 -5.35 21.09
C ASN A 131 18.10 -6.54 20.57
N ILE A 132 18.53 -7.76 20.88
CA ILE A 132 17.91 -8.95 20.31
C ILE A 132 16.48 -9.11 20.82
N PHE A 133 16.23 -8.77 22.08
CA PHE A 133 14.96 -9.12 22.71
C PHE A 133 13.78 -8.56 21.92
N GLY A 134 13.83 -7.28 21.56
CA GLY A 134 12.70 -6.72 20.86
C GLY A 134 11.47 -6.68 21.74
N VAL A 135 10.30 -6.80 21.11
CA VAL A 135 9.03 -6.74 21.83
C VAL A 135 8.15 -7.91 21.44
N ILE A 136 8.58 -8.70 20.44
CA ILE A 136 7.78 -9.83 20.00
C ILE A 136 7.57 -10.81 21.14
N LEU A 137 8.53 -10.91 22.06
CA LEU A 137 8.38 -11.83 23.19
C LEU A 137 7.19 -11.46 24.06
N PHE A 138 7.00 -10.16 24.31
CA PHE A 138 5.99 -9.73 25.27
C PHE A 138 4.58 -9.86 24.73
N LEU A 139 4.36 -9.63 23.44
CA LEU A 139 3.01 -9.52 22.89
C LEU A 139 2.67 -10.63 21.92
N ARG A 140 3.46 -10.82 20.85
CA ARG A 140 3.11 -11.78 19.82
C ARG A 140 3.52 -13.21 20.15
N LEU A 141 4.35 -13.41 21.17
CA LEU A 141 4.77 -14.77 21.50
C LEU A 141 3.59 -15.62 21.94
N THR A 142 2.69 -15.06 22.74
CA THR A 142 1.51 -15.82 23.16
C THR A 142 0.65 -16.19 21.96
N TRP A 143 0.46 -15.26 21.02
CA TRP A 143 -0.31 -15.56 19.83
C TRP A 143 0.33 -16.69 19.04
N MET A 144 1.66 -16.62 18.85
CA MET A 144 2.35 -17.67 18.10
C MET A 144 2.20 -19.02 18.78
N VAL A 145 2.42 -19.07 20.09
CA VAL A 145 2.34 -20.34 20.80
C VAL A 145 0.94 -20.91 20.73
N GLY A 146 -0.08 -20.05 20.90
CA GLY A 146 -1.45 -20.52 20.84
C GLY A 146 -1.83 -21.05 19.46
N THR A 147 -1.43 -20.33 18.41
CA THR A 147 -1.84 -20.72 17.06
C THR A 147 -1.10 -21.97 16.61
N ALA A 148 0.22 -22.00 16.79
CA ALA A 148 1.04 -23.09 16.27
C ALA A 148 1.29 -24.20 17.27
N GLY A 149 0.79 -24.08 18.50
CA GLY A 149 1.05 -25.05 19.53
C GLY A 149 2.46 -24.91 20.08
N VAL A 150 2.73 -25.70 21.12
CA VAL A 150 4.03 -25.62 21.77
C VAL A 150 5.12 -26.22 20.87
N LEU A 151 4.86 -27.37 20.27
CA LEU A 151 5.89 -28.06 19.50
C LEU A 151 6.33 -27.23 18.29
N GLN A 152 5.36 -26.70 17.53
CA GLN A 152 5.71 -25.95 16.34
C GLN A 152 6.38 -24.64 16.70
N ALA A 153 5.95 -23.99 17.78
CA ALA A 153 6.63 -22.77 18.23
C ALA A 153 8.07 -23.07 18.62
N LEU A 154 8.29 -24.18 19.33
CA LEU A 154 9.65 -24.56 19.66
C LEU A 154 10.48 -24.79 18.40
N LEU A 155 9.90 -25.48 17.42
CA LEU A 155 10.65 -25.75 16.19
C LEU A 155 11.01 -24.47 15.46
N ILE A 156 10.06 -23.52 15.37
CA ILE A 156 10.31 -22.29 14.64
C ILE A 156 11.37 -21.44 15.35
N VAL A 157 11.25 -21.30 16.67
CA VAL A 157 12.26 -20.55 17.42
C VAL A 157 13.62 -21.23 17.29
N LEU A 158 13.64 -22.57 17.29
CA LEU A 158 14.88 -23.28 17.12
C LEU A 158 15.51 -23.01 15.76
N ILE A 159 14.69 -22.97 14.70
CA ILE A 159 15.21 -22.69 13.37
C ILE A 159 15.84 -21.30 13.31
N CYS A 160 15.11 -20.31 13.82
CA CYS A 160 15.62 -18.94 13.77
C CYS A 160 16.90 -18.82 14.58
N CYS A 161 16.90 -19.33 15.81
CA CYS A 161 18.09 -19.27 16.64
C CYS A 161 19.24 -20.07 16.05
N CYS A 162 18.93 -21.14 15.31
CA CYS A 162 19.98 -21.93 14.67
C CYS A 162 20.67 -21.14 13.58
N CYS A 163 19.90 -20.48 12.71
CA CYS A 163 20.54 -19.63 11.70
C CYS A 163 21.36 -18.54 12.36
N THR A 164 20.80 -17.89 13.38
CA THR A 164 21.51 -16.80 14.02
C THR A 164 22.80 -17.28 14.68
N LEU A 165 22.76 -18.46 15.32
CA LEU A 165 23.94 -18.98 15.98
C LEU A 165 25.00 -19.43 14.97
N LEU A 166 24.57 -19.99 13.84
CA LEU A 166 25.53 -20.35 12.81
C LEU A 166 26.22 -19.11 12.25
N THR A 167 25.45 -18.04 12.02
CA THR A 167 26.07 -16.79 11.57
C THR A 167 27.05 -16.26 12.61
N ALA A 168 26.66 -16.32 13.89
CA ALA A 168 27.54 -15.86 14.96
C ALA A 168 28.82 -16.67 15.01
N ILE A 169 28.73 -17.99 14.85
CA ILE A 169 29.92 -18.83 14.91
C ILE A 169 30.82 -18.56 13.70
N SER A 170 30.23 -18.35 12.53
CA SER A 170 31.05 -18.00 11.37
C SER A 170 31.76 -16.67 11.59
N MET A 171 31.06 -15.69 12.16
CA MET A 171 31.69 -14.41 12.44
C MET A 171 32.82 -14.57 13.45
N SER A 172 32.61 -15.39 14.47
CA SER A 172 33.66 -15.64 15.45
C SER A 172 34.88 -16.29 14.80
N ALA A 173 34.64 -17.25 13.90
CA ALA A 173 35.75 -17.88 13.20
C ALA A 173 36.52 -16.87 12.38
N ILE A 174 35.80 -15.98 11.69
CA ILE A 174 36.48 -14.96 10.88
C ILE A 174 37.29 -14.02 11.77
N ALA A 175 36.71 -13.60 12.90
CA ALA A 175 37.39 -12.67 13.79
C ALA A 175 38.49 -13.33 14.61
N THR A 176 38.59 -14.66 14.60
CA THR A 176 39.65 -15.32 15.33
C THR A 176 41.02 -14.81 14.91
N ASN A 177 41.16 -14.37 13.66
CA ASN A 177 42.43 -13.81 13.21
C ASN A 177 42.87 -12.61 14.03
N GLY A 178 41.93 -11.94 14.69
CA GLY A 178 42.29 -10.80 15.54
C GLY A 178 42.91 -9.64 14.78
N VAL A 179 42.33 -9.28 13.63
CA VAL A 179 42.89 -8.23 12.79
C VAL A 179 41.88 -7.11 12.50
N VAL A 180 40.60 -7.30 12.81
CA VAL A 180 39.59 -6.30 12.48
C VAL A 180 39.92 -5.00 13.22
N PRO A 181 40.38 -3.97 12.51
CA PRO A 181 40.72 -2.71 13.19
C PRO A 181 39.51 -1.83 13.43
N ALA A 182 38.59 -1.83 12.47
CA ALA A 182 37.42 -0.96 12.51
C ALA A 182 36.41 -1.47 11.50
N GLY A 183 35.20 -0.92 11.57
CA GLY A 183 34.13 -1.35 10.70
C GLY A 183 33.58 -2.70 11.14
N GLY A 184 32.28 -2.89 10.98
CA GLY A 184 31.66 -4.12 11.44
C GLY A 184 31.80 -5.26 10.47
N SER A 185 30.72 -6.00 10.24
CA SER A 185 30.75 -7.12 9.32
C SER A 185 31.16 -6.70 7.92
N TYR A 186 30.93 -5.44 7.54
CA TYR A 186 31.28 -5.00 6.21
C TYR A 186 32.78 -5.13 5.97
N PHE A 187 33.60 -4.70 6.94
CA PHE A 187 35.03 -4.81 6.77
C PHE A 187 35.46 -6.26 6.63
N MET A 188 34.91 -7.15 7.45
CA MET A 188 35.25 -8.56 7.37
C MET A 188 34.90 -9.12 6.01
N ILE A 189 33.70 -8.83 5.51
CA ILE A 189 33.27 -9.36 4.22
C ILE A 189 34.15 -8.81 3.11
N SER A 190 34.46 -7.51 3.14
CA SER A 190 35.29 -6.92 2.10
C SER A 190 36.68 -7.52 2.10
N ARG A 191 37.26 -7.69 3.28
CA ARG A 191 38.61 -8.25 3.37
C ARG A 191 38.64 -9.70 2.89
N SER A 192 37.60 -10.48 3.23
CA SER A 192 37.60 -11.89 2.89
C SER A 192 37.24 -12.12 1.43
N LEU A 193 36.03 -11.73 1.02
CA LEU A 193 35.56 -12.04 -0.32
C LEU A 193 36.05 -11.04 -1.34
N GLY A 194 35.71 -9.76 -1.15
CA GLY A 194 36.07 -8.73 -2.09
C GLY A 194 35.27 -7.45 -1.90
N PRO A 195 35.89 -6.32 -2.20
CA PRO A 195 35.21 -5.03 -1.97
C PRO A 195 33.91 -4.89 -2.75
N GLU A 196 33.82 -5.47 -3.94
CA GLU A 196 32.63 -5.28 -4.77
C GLU A 196 31.38 -5.80 -4.07
N PHE A 197 31.46 -7.00 -3.50
CA PHE A 197 30.33 -7.53 -2.74
C PHE A 197 30.21 -6.88 -1.37
N GLY A 198 31.35 -6.57 -0.75
CA GLY A 198 31.32 -6.03 0.59
C GLY A 198 30.61 -4.68 0.66
N GLY A 199 30.87 -3.81 -0.31
CA GLY A 199 30.22 -2.51 -0.31
C GLY A 199 28.71 -2.63 -0.40
N ALA A 200 28.22 -3.46 -1.33
CA ALA A 200 26.78 -3.63 -1.48
C ALA A 200 26.17 -4.24 -0.23
N VAL A 201 26.80 -5.26 0.35
CA VAL A 201 26.25 -5.89 1.54
C VAL A 201 26.22 -4.89 2.69
N GLY A 202 27.29 -4.11 2.86
CA GLY A 202 27.32 -3.12 3.92
C GLY A 202 26.26 -2.06 3.74
N LEU A 203 26.07 -1.58 2.51
CA LEU A 203 25.05 -0.56 2.27
C LEU A 203 23.66 -1.11 2.59
N CYS A 204 23.36 -2.33 2.13
CA CYS A 204 22.07 -2.92 2.42
C CYS A 204 21.87 -3.11 3.92
N PHE A 205 22.91 -3.58 4.61
CA PHE A 205 22.80 -3.78 6.04
C PHE A 205 22.58 -2.46 6.78
N TYR A 206 23.28 -1.40 6.34
CA TYR A 206 23.10 -0.09 6.96
C TYR A 206 21.66 0.42 6.77
N LEU A 207 21.13 0.27 5.55
CA LEU A 207 19.74 0.67 5.33
C LEU A 207 18.80 -0.13 6.22
N GLY A 208 19.01 -1.44 6.31
CA GLY A 208 18.18 -2.27 7.15
C GLY A 208 18.24 -1.86 8.61
N THR A 209 19.44 -1.56 9.10
CA THR A 209 19.59 -1.15 10.49
C THR A 209 18.90 0.17 10.76
N THR A 210 19.05 1.14 9.85
CA THR A 210 18.39 2.42 10.04
C THR A 210 16.88 2.27 10.07
N PHE A 211 16.34 1.52 9.11
CA PHE A 211 14.88 1.34 9.09
C PHE A 211 14.39 0.53 10.28
N ALA A 212 15.19 -0.43 10.75
CA ALA A 212 14.82 -1.17 11.95
C ALA A 212 14.77 -0.25 13.17
N ALA A 213 15.74 0.67 13.28
CA ALA A 213 15.69 1.64 14.36
C ALA A 213 14.45 2.52 14.27
N ALA A 214 14.12 2.96 13.06
CA ALA A 214 12.92 3.77 12.89
C ALA A 214 11.67 3.01 13.31
N MET A 215 11.56 1.75 12.89
CA MET A 215 10.40 0.95 13.24
C MET A 215 10.34 0.67 14.73
N TYR A 216 11.50 0.46 15.37
CA TYR A 216 11.52 0.28 16.82
C TYR A 216 11.00 1.52 17.53
N ILE A 217 11.45 2.70 17.09
CA ILE A 217 10.98 3.93 17.73
C ILE A 217 9.48 4.12 17.51
N LEU A 218 9.00 3.81 16.30
CA LEU A 218 7.56 3.90 16.04
C LEU A 218 6.79 2.95 16.95
N GLY A 219 7.26 1.72 17.09
CA GLY A 219 6.60 0.77 17.97
C GLY A 219 6.58 1.24 19.41
N ALA A 220 7.69 1.81 19.88
CA ALA A 220 7.72 2.35 21.24
C ALA A 220 6.70 3.46 21.41
N ILE A 221 6.62 4.36 20.43
CA ILE A 221 5.67 5.47 20.54
C ILE A 221 4.24 4.95 20.55
N GLU A 222 3.95 3.95 19.72
CA GLU A 222 2.59 3.43 19.67
C GLU A 222 2.25 2.64 20.94
N ILE A 223 3.23 1.94 21.50
CA ILE A 223 3.03 1.31 22.81
C ILE A 223 2.69 2.35 23.85
N LEU A 224 3.44 3.45 23.87
CA LEU A 224 3.16 4.51 24.84
C LEU A 224 1.76 5.07 24.65
N LEU A 225 1.37 5.30 23.39
CA LEU A 225 0.07 5.89 23.12
C LEU A 225 -1.06 4.96 23.57
N THR A 226 -0.96 3.68 23.22
CA THR A 226 -2.07 2.77 23.47
C THR A 226 -2.20 2.43 24.95
N TYR A 227 -1.08 2.14 25.61
CA TYR A 227 -1.11 1.63 26.98
C TYR A 227 -0.37 2.51 27.97
N ILE A 228 0.76 3.11 27.59
CA ILE A 228 1.59 3.82 28.56
C ILE A 228 0.79 4.93 29.24
N ALA A 229 0.31 5.90 28.47
CA ALA A 229 -0.44 6.99 29.07
C ALA A 229 -1.63 7.42 28.23
N PRO A 230 -2.48 6.49 27.79
CA PRO A 230 -3.77 6.89 27.20
C PRO A 230 -4.60 7.68 28.19
N PRO A 231 -4.55 7.37 29.49
CA PRO A 231 -5.35 8.15 30.45
C PRO A 231 -5.06 9.65 30.39
N ALA A 232 -3.82 10.05 30.09
CA ALA A 232 -3.48 11.45 29.92
C ALA A 232 -3.95 11.93 28.55
N ALA A 233 -5.25 11.74 28.30
CA ALA A 233 -5.93 12.05 27.06
C ALA A 233 -5.47 11.18 25.90
N ILE A 234 -4.51 10.27 26.12
CA ILE A 234 -3.97 9.44 25.06
C ILE A 234 -3.56 10.33 23.89
N PHE A 235 -3.02 11.51 24.21
CA PHE A 235 -2.64 12.48 23.19
C PHE A 235 -3.83 12.85 22.31
N TYR A 236 -5.00 12.95 22.93
CA TYR A 236 -6.21 13.32 22.17
C TYR A 236 -6.05 14.64 21.46
N PRO A 237 -5.55 15.70 22.09
CA PRO A 237 -5.34 16.96 21.34
C PRO A 237 -4.45 16.78 20.12
N SER A 238 -3.49 15.86 20.17
CA SER A 238 -2.59 15.67 19.04
C SER A 238 -3.34 15.20 17.80
N GLY A 239 -4.26 14.26 17.97
CA GLY A 239 -4.98 13.72 16.82
C GLY A 239 -6.49 13.76 16.94
N ALA A 240 -7.01 13.91 18.16
CA ALA A 240 -8.43 13.97 18.46
C ALA A 240 -9.16 12.66 18.21
N HIS A 241 -8.45 11.62 17.74
CA HIS A 241 -9.06 10.31 17.51
C HIS A 241 -10.22 10.39 16.52
N ASP A 242 -10.09 11.27 15.52
CA ASP A 242 -11.10 11.34 14.47
C ASP A 242 -11.18 10.04 13.69
N THR A 243 -10.04 9.42 13.43
CA THR A 243 -9.95 8.15 12.71
C THR A 243 -8.54 7.62 12.93
N SER A 244 -8.18 6.58 12.17
CA SER A 244 -6.81 6.06 12.23
C SER A 244 -5.80 7.15 11.91
N ASN A 245 -6.20 8.15 11.11
CA ASN A 245 -5.31 9.26 10.81
C ASN A 245 -4.92 10.02 12.06
N ALA A 246 -5.80 10.07 13.07
CA ALA A 246 -5.45 10.75 14.31
C ALA A 246 -4.28 10.06 15.00
N THR A 247 -4.36 8.74 15.17
CA THR A 247 -3.26 8.01 15.77
C THR A 247 -2.01 8.08 14.89
N LEU A 248 -2.19 8.06 13.58
CA LEU A 248 -1.03 8.16 12.68
C LEU A 248 -0.32 9.49 12.88
N ASN A 249 -1.06 10.59 13.00
CA ASN A 249 -0.44 11.88 13.25
C ASN A 249 0.21 11.93 14.63
N ASN A 250 -0.46 11.37 15.64
CA ASN A 250 0.14 11.31 16.97
C ASN A 250 1.49 10.62 16.92
N MET A 251 1.56 9.50 16.20
CA MET A 251 2.84 8.82 16.02
C MET A 251 3.83 9.69 15.26
N ARG A 252 3.39 10.24 14.12
CA ARG A 252 4.30 11.02 13.28
C ARG A 252 4.92 12.18 14.04
N VAL A 253 4.22 12.69 15.06
CA VAL A 253 4.73 13.81 15.84
C VAL A 253 5.58 13.32 17.01
N TYR A 254 5.04 12.41 17.83
CA TYR A 254 5.76 11.98 19.03
C TYR A 254 7.03 11.21 18.68
N GLY A 255 6.97 10.35 17.67
CA GLY A 255 8.16 9.63 17.26
C GLY A 255 9.26 10.55 16.78
N THR A 256 8.90 11.61 16.04
CA THR A 256 9.90 12.60 15.66
C THR A 256 10.46 13.32 16.87
N ILE A 257 9.59 13.69 17.82
CA ILE A 257 10.05 14.40 19.00
C ILE A 257 11.04 13.54 19.79
N PHE A 258 10.79 12.22 19.83
CA PHE A 258 11.70 11.32 20.52
C PHE A 258 12.95 11.04 19.72
N LEU A 259 12.84 10.95 18.39
CA LEU A 259 13.99 10.66 17.55
C LEU A 259 14.99 11.81 17.56
N THR A 260 14.51 13.05 17.64
CA THR A 260 15.46 14.16 17.75
C THR A 260 16.32 14.00 19.00
N PHE A 261 15.68 13.67 20.13
CA PHE A 261 16.43 13.47 21.37
C PHE A 261 17.38 12.28 21.25
N MET A 262 16.91 11.20 20.64
CA MET A 262 17.76 10.01 20.50
C MET A 262 18.99 10.32 19.65
N THR A 263 18.79 11.02 18.53
CA THR A 263 19.93 11.39 17.69
C THR A 263 20.88 12.33 18.43
N LEU A 264 20.33 13.29 19.18
CA LEU A 264 21.18 14.19 19.94
C LEU A 264 22.03 13.43 20.95
N VAL A 265 21.43 12.48 21.66
CA VAL A 265 22.19 11.72 22.66
C VAL A 265 23.24 10.84 21.97
N VAL A 266 22.85 10.15 20.89
CA VAL A 266 23.80 9.28 20.21
C VAL A 266 24.93 10.07 19.57
N PHE A 267 24.72 11.35 19.26
CA PHE A 267 25.78 12.15 18.68
C PHE A 267 26.98 12.25 19.62
N VAL A 268 26.73 12.47 20.91
CA VAL A 268 27.81 12.46 21.88
C VAL A 268 28.41 11.06 21.91
N GLY A 269 29.67 10.99 22.37
CA GLY A 269 30.38 9.73 22.44
C GLY A 269 29.57 8.63 23.11
N VAL A 270 29.85 7.38 22.74
CA VAL A 270 29.09 6.26 23.27
C VAL A 270 29.18 6.18 24.78
N LYS A 271 30.18 6.82 25.38
CA LYS A 271 30.29 6.82 26.84
C LYS A 271 29.02 7.34 27.50
N TYR A 272 28.31 8.23 26.82
CA TYR A 272 27.03 8.76 27.32
C TYR A 272 25.83 8.04 26.73
N VAL A 273 26.06 6.99 25.93
CA VAL A 273 24.98 6.24 25.32
C VAL A 273 24.75 4.91 26.03
N ASN A 274 25.81 4.28 26.53
CA ASN A 274 25.68 2.98 27.16
C ASN A 274 24.89 3.03 28.46
N LYS A 275 24.82 4.20 29.10
CA LYS A 275 24.06 4.31 30.35
C LYS A 275 22.57 4.09 30.11
N PHE A 276 22.01 4.78 29.11
CA PHE A 276 20.59 4.62 28.81
C PHE A 276 20.27 3.19 28.38
N ALA A 277 21.13 2.61 27.55
CA ALA A 277 20.92 1.22 27.12
C ALA A 277 20.98 0.27 28.31
N SER A 278 21.92 0.50 29.23
CA SER A 278 22.01 -0.33 30.41
C SER A 278 20.75 -0.24 31.26
N LEU A 279 20.24 0.98 31.45
CA LEU A 279 19.00 1.12 32.22
C LEU A 279 17.84 0.41 31.54
N PHE A 280 17.73 0.55 30.22
CA PHE A 280 16.66 -0.10 29.49
C PHE A 280 16.76 -1.62 29.60
N LEU A 281 17.97 -2.16 29.46
CA LEU A 281 18.16 -3.60 29.59
C LEU A 281 17.82 -4.07 31.00
N ALA A 282 18.17 -3.28 32.02
CA ALA A 282 17.81 -3.63 33.38
C ALA A 282 16.30 -3.70 33.55
N CYS A 283 15.58 -2.72 32.98
CA CYS A 283 14.12 -2.76 33.07
C CYS A 283 13.56 -3.97 32.35
N VAL A 284 14.11 -4.30 31.17
CA VAL A 284 13.62 -5.44 30.42
C VAL A 284 13.84 -6.73 31.21
N ILE A 285 15.02 -6.87 31.81
CA ILE A 285 15.30 -8.06 32.62
C ILE A 285 14.36 -8.13 33.81
N ILE A 286 14.06 -6.98 34.42
CA ILE A 286 13.11 -6.97 35.52
C ILE A 286 11.75 -7.45 35.05
N SER A 287 11.31 -6.99 33.87
CA SER A 287 10.02 -7.43 33.36
C SER A 287 10.01 -8.94 33.10
N ILE A 288 11.09 -9.47 32.54
CA ILE A 288 11.17 -10.91 32.27
C ILE A 288 11.10 -11.69 33.58
N LEU A 289 11.85 -11.26 34.59
CA LEU A 289 11.79 -11.93 35.88
C LEU A 289 10.39 -11.87 36.47
N SER A 290 9.73 -10.71 36.33
CA SER A 290 8.37 -10.58 36.85
C SER A 290 7.41 -11.53 36.14
N ILE A 291 7.54 -11.67 34.82
CA ILE A 291 6.64 -12.57 34.09
C ILE A 291 6.88 -14.01 34.51
N TYR A 292 8.15 -14.40 34.67
CA TYR A 292 8.42 -15.77 35.13
C TYR A 292 7.88 -16.00 36.53
N ALA A 293 8.05 -15.03 37.43
CA ALA A 293 7.51 -15.17 38.78
C ALA A 293 5.99 -15.28 38.76
N GLY A 294 5.33 -14.49 37.91
CA GLY A 294 3.90 -14.61 37.77
C GLY A 294 3.48 -15.98 37.26
N GLY A 295 4.25 -16.52 36.31
CA GLY A 295 3.94 -17.86 35.82
C GLY A 295 4.04 -18.90 36.92
N ILE A 296 5.13 -18.84 37.71
CA ILE A 296 5.28 -19.82 38.79
C ILE A 296 4.18 -19.65 39.83
N LYS A 297 3.83 -18.40 40.15
CA LYS A 297 2.74 -18.18 41.10
C LYS A 297 1.43 -18.73 40.58
N SER A 298 1.13 -18.52 39.29
CA SER A 298 -0.07 -19.10 38.70
C SER A 298 -0.04 -20.62 38.80
N ILE A 299 1.14 -21.21 38.58
CA ILE A 299 1.28 -22.65 38.80
C ILE A 299 0.90 -23.01 40.22
N PHE A 300 1.31 -22.19 41.19
CA PHE A 300 0.97 -22.42 42.58
C PHE A 300 -0.32 -21.75 43.02
N ASP A 301 -0.76 -20.70 42.32
CA ASP A 301 -1.99 -19.99 42.66
C ASP A 301 -2.55 -19.29 41.43
N PRO A 302 -3.49 -19.91 40.71
CA PRO A 302 -4.00 -19.31 39.48
C PRO A 302 -4.68 -17.98 39.74
N PRO A 303 -4.54 -17.03 38.82
CA PRO A 303 -5.23 -15.75 38.95
C PRO A 303 -6.67 -15.85 38.46
N VAL A 304 -7.34 -14.71 38.44
CA VAL A 304 -8.73 -14.60 37.97
C VAL A 304 -8.73 -13.86 36.65
N PHE A 305 -9.36 -14.46 35.64
CA PHE A 305 -9.38 -13.89 34.30
C PHE A 305 -10.52 -14.50 33.50
N PRO A 306 -11.77 -14.21 33.86
CA PRO A 306 -12.90 -14.86 33.18
C PRO A 306 -12.92 -14.52 31.69
N VAL A 307 -13.31 -15.51 30.89
CA VAL A 307 -13.47 -15.35 29.44
C VAL A 307 -14.85 -15.88 29.07
N CYS A 308 -15.54 -15.14 28.19
CA CYS A 308 -16.91 -15.46 27.83
C CYS A 308 -16.92 -16.38 26.61
N MET A 309 -17.57 -17.53 26.76
CA MET A 309 -17.67 -18.50 25.68
C MET A 309 -19.12 -18.95 25.53
N LEU A 310 -19.63 -18.89 24.31
CA LEU A 310 -20.98 -19.34 23.98
C LEU A 310 -20.87 -20.61 23.16
N GLY A 311 -21.66 -21.62 23.53
CA GLY A 311 -21.48 -22.92 22.90
C GLY A 311 -20.06 -23.38 23.15
N ASN A 312 -19.32 -23.63 22.08
CA ASN A 312 -17.89 -23.89 22.17
C ASN A 312 -17.07 -22.79 21.53
N ARG A 313 -17.67 -21.64 21.23
CA ARG A 313 -16.98 -20.50 20.65
C ARG A 313 -16.69 -19.47 21.73
N THR A 314 -16.04 -18.38 21.33
CA THR A 314 -15.68 -17.29 22.23
C THR A 314 -16.13 -15.97 21.65
N LEU A 315 -16.64 -15.09 22.51
CA LEU A 315 -17.19 -13.81 22.10
C LEU A 315 -16.58 -12.71 22.94
N SER A 316 -16.27 -11.58 22.28
CA SER A 316 -15.66 -10.45 22.98
C SER A 316 -16.60 -9.95 24.07
N ARG A 317 -16.05 -9.78 25.28
CA ARG A 317 -16.82 -9.29 26.42
C ARG A 317 -16.72 -7.78 26.55
N ASP A 318 -17.01 -7.07 25.46
CA ASP A 318 -16.94 -5.62 25.44
C ASP A 318 -18.29 -4.95 25.24
N GLN A 319 -19.32 -5.71 24.84
CA GLN A 319 -20.64 -5.13 24.61
C GLN A 319 -21.54 -5.28 25.83
N PHE A 320 -21.63 -6.49 26.38
CA PHE A 320 -22.51 -6.77 27.50
C PHE A 320 -21.76 -6.66 28.82
N ASP A 321 -22.47 -6.22 29.85
CA ASP A 321 -21.89 -6.09 31.18
C ASP A 321 -21.74 -7.43 31.87
N ILE A 322 -22.66 -8.36 31.64
CA ILE A 322 -22.64 -9.67 32.28
C ILE A 322 -22.70 -10.75 31.21
N CYS A 323 -22.21 -11.93 31.55
CA CYS A 323 -22.15 -13.07 30.63
C CYS A 323 -23.16 -14.12 31.12
N ALA A 324 -24.40 -14.00 30.66
CA ALA A 324 -25.45 -14.95 31.00
C ALA A 324 -26.66 -14.76 30.09
N LYS A 325 -27.14 -15.86 29.52
CA LYS A 325 -28.30 -15.77 28.62
C LYS A 325 -29.51 -15.17 29.33
N THR A 326 -29.68 -15.49 30.61
CA THR A 326 -30.79 -14.95 31.39
C THR A 326 -30.31 -14.66 32.81
N ALA A 327 -31.01 -13.72 33.45
CA ALA A 327 -30.72 -13.37 34.83
C ALA A 327 -32.00 -12.91 35.49
N VAL A 328 -32.01 -12.92 36.82
CA VAL A 328 -33.19 -12.56 37.60
C VAL A 328 -32.85 -11.33 38.42
N VAL A 329 -33.64 -10.27 38.23
CA VAL A 329 -33.56 -9.06 39.04
C VAL A 329 -34.97 -8.73 39.54
N ASP A 330 -35.08 -8.47 40.84
CA ASP A 330 -36.38 -8.20 41.46
C ASP A 330 -37.37 -9.32 41.17
N ASN A 331 -36.90 -10.56 41.26
CA ASN A 331 -37.73 -11.74 41.04
C ASN A 331 -38.38 -11.72 39.66
N GLU A 332 -37.61 -11.33 38.66
CA GLU A 332 -38.09 -11.28 37.29
C GLU A 332 -36.93 -11.47 36.33
N THR A 333 -37.25 -11.88 35.11
CA THR A 333 -36.24 -12.02 34.07
C THR A 333 -35.65 -10.64 33.73
N VAL A 334 -34.38 -10.65 33.35
CA VAL A 334 -33.64 -9.43 33.07
C VAL A 334 -33.48 -9.28 31.56
N ALA A 335 -32.99 -8.10 31.15
CA ALA A 335 -32.78 -7.84 29.73
C ALA A 335 -31.71 -8.75 29.14
N THR A 336 -30.64 -9.01 29.90
CA THR A 336 -29.53 -9.85 29.44
C THR A 336 -28.90 -9.25 28.18
N GLN A 337 -28.22 -8.12 28.41
CA GLN A 337 -27.58 -7.35 27.34
C GLN A 337 -26.94 -8.25 26.29
N LEU A 338 -26.24 -9.30 26.73
CA LEU A 338 -25.75 -10.29 25.78
C LEU A 338 -26.88 -10.84 24.93
N TRP A 339 -28.01 -11.16 25.57
CA TRP A 339 -29.16 -11.62 24.81
C TRP A 339 -29.72 -10.52 23.92
N SER A 340 -29.61 -9.26 24.33
CA SER A 340 -30.05 -8.17 23.47
C SER A 340 -29.25 -8.16 22.16
N PHE A 341 -27.94 -8.33 22.26
CA PHE A 341 -27.12 -8.49 21.06
C PHE A 341 -27.40 -9.86 20.43
N PHE A 342 -27.60 -9.87 19.11
CA PHE A 342 -27.95 -11.05 18.34
C PHE A 342 -29.37 -11.53 18.62
N CYS A 343 -30.08 -10.91 19.54
CA CYS A 343 -31.48 -11.25 19.81
C CYS A 343 -32.19 -9.96 20.21
N HIS A 344 -32.99 -9.43 19.29
CA HIS A 344 -33.66 -8.14 19.48
C HIS A 344 -35.00 -8.25 20.17
N SER A 345 -35.44 -9.47 20.50
CA SER A 345 -36.70 -9.64 21.22
C SER A 345 -36.45 -9.50 22.71
N PRO A 346 -36.98 -8.47 23.37
CA PRO A 346 -36.72 -8.28 24.80
C PRO A 346 -37.59 -9.12 25.72
N ASN A 347 -38.31 -10.11 25.21
CA ASN A 347 -39.17 -10.96 26.01
C ASN A 347 -38.61 -12.38 26.02
N LEU A 348 -38.60 -12.99 27.21
CA LEU A 348 -38.04 -14.33 27.35
C LEU A 348 -38.79 -15.33 26.49
N THR A 349 -40.12 -15.22 26.43
CA THR A 349 -40.94 -16.15 25.66
C THR A 349 -40.97 -15.74 24.20
N THR A 350 -39.82 -15.93 23.53
CA THR A 350 -39.69 -15.63 22.13
C THR A 350 -38.45 -16.30 21.58
N ASP A 351 -38.57 -16.90 20.39
CA ASP A 351 -37.46 -17.55 19.71
C ASP A 351 -37.23 -16.92 18.34
N SER A 352 -37.47 -15.61 18.22
CA SER A 352 -37.36 -14.95 16.93
C SER A 352 -35.92 -14.94 16.42
N CYS A 353 -34.95 -14.75 17.30
CA CYS A 353 -33.58 -14.50 16.88
C CYS A 353 -32.92 -15.81 16.44
N ASP A 354 -31.60 -15.75 16.21
CA ASP A 354 -30.90 -16.87 15.60
C ASP A 354 -30.99 -18.11 16.48
N PRO A 355 -31.07 -19.30 15.88
CA PRO A 355 -31.15 -20.52 16.69
C PRO A 355 -29.90 -20.81 17.51
N TYR A 356 -28.77 -20.18 17.19
CA TYR A 356 -27.55 -20.48 17.91
C TYR A 356 -27.68 -20.18 19.40
N PHE A 357 -28.27 -19.03 19.74
CA PHE A 357 -28.42 -18.67 21.14
C PHE A 357 -29.27 -19.69 21.88
N MET A 358 -30.46 -19.99 21.34
CA MET A 358 -31.38 -20.87 22.04
C MET A 358 -30.84 -22.29 22.13
N LEU A 359 -30.42 -22.86 21.00
CA LEU A 359 -29.92 -24.23 21.00
C LEU A 359 -28.67 -24.36 21.84
N ASN A 360 -27.60 -23.68 21.46
CA ASN A 360 -26.36 -23.72 22.22
C ASN A 360 -26.54 -23.05 23.57
N ASN A 361 -25.56 -23.24 24.44
CA ASN A 361 -25.58 -22.67 25.78
C ASN A 361 -24.33 -21.83 26.00
N VAL A 362 -24.49 -20.77 26.79
CA VAL A 362 -23.40 -19.84 27.08
C VAL A 362 -22.87 -20.13 28.48
N THR A 363 -21.56 -19.99 28.65
CA THR A 363 -20.93 -20.27 29.93
C THR A 363 -19.63 -19.46 30.04
N GLU A 364 -19.12 -19.38 31.26
CA GLU A 364 -17.88 -18.65 31.55
C GLU A 364 -16.83 -19.63 32.07
N ILE A 365 -15.62 -19.52 31.56
CA ILE A 365 -14.53 -20.41 31.94
C ILE A 365 -13.28 -19.60 32.25
N PRO A 366 -12.45 -20.03 33.20
CA PRO A 366 -11.20 -19.32 33.45
C PRO A 366 -10.31 -19.33 32.22
N GLY A 367 -9.61 -18.22 32.00
CA GLY A 367 -8.70 -18.12 30.88
C GLY A 367 -7.25 -18.34 31.26
N ILE A 368 -6.97 -18.34 32.56
CA ILE A 368 -5.63 -18.53 33.07
C ILE A 368 -5.67 -19.60 34.15
N PRO A 369 -5.85 -20.87 33.80
CA PRO A 369 -5.97 -21.91 34.82
C PRO A 369 -4.65 -22.22 35.51
N GLY A 370 -3.62 -21.45 35.20
CA GLY A 370 -2.31 -21.66 35.77
C GLY A 370 -1.53 -22.74 35.04
N ALA A 371 -0.40 -23.10 35.64
CA ALA A 371 0.49 -24.11 35.07
C ALA A 371 0.06 -25.48 35.56
N ALA A 372 -0.45 -26.31 34.65
CA ALA A 372 -0.87 -27.65 34.98
C ALA A 372 -0.59 -28.57 33.79
N ALA A 373 -0.43 -29.85 34.07
CA ALA A 373 -0.12 -30.82 33.03
C ALA A 373 -1.24 -30.89 31.99
N GLY A 374 -2.50 -30.86 32.44
CA GLY A 374 -3.60 -31.03 31.52
C GLY A 374 -3.64 -29.94 30.45
N VAL A 375 -3.50 -28.69 30.86
CA VAL A 375 -3.58 -27.58 29.91
C VAL A 375 -2.46 -27.68 28.89
N LEU A 376 -1.23 -27.92 29.35
CA LEU A 376 -0.11 -28.02 28.44
C LEU A 376 -0.28 -29.17 27.47
N GLN A 377 -0.72 -30.33 27.97
CA GLN A 377 -0.89 -31.49 27.11
C GLN A 377 -1.98 -31.25 26.07
N GLU A 378 -3.08 -30.61 26.48
CA GLU A 378 -4.15 -30.32 25.53
C GLU A 378 -3.75 -29.24 24.54
N ASN A 379 -2.78 -28.40 24.90
CA ASN A 379 -2.33 -27.32 24.04
C ASN A 379 -1.14 -27.71 23.18
N LEU A 380 -0.73 -28.97 23.21
CA LEU A 380 0.45 -29.39 22.45
C LEU A 380 0.27 -29.15 20.96
N TRP A 381 -0.71 -29.82 20.35
CA TRP A 381 -0.87 -29.74 18.91
C TRP A 381 -1.28 -28.33 18.49
N SER A 382 -1.09 -28.04 17.21
CA SER A 382 -1.38 -26.74 16.65
C SER A 382 -2.80 -26.67 16.10
N ALA A 383 -3.22 -25.46 15.76
CA ALA A 383 -4.54 -25.24 15.17
C ALA A 383 -4.46 -23.99 14.31
N TYR A 384 -4.33 -24.18 13.00
CA TYR A 384 -4.24 -23.08 12.06
C TYR A 384 -5.60 -22.79 11.47
N LEU A 385 -6.00 -21.52 11.49
CA LEU A 385 -7.30 -21.09 11.00
C LEU A 385 -7.12 -20.06 9.90
N GLU A 386 -7.92 -20.18 8.85
CA GLU A 386 -7.89 -19.22 7.76
C GLU A 386 -8.58 -17.92 8.18
N LYS A 387 -8.37 -16.88 7.38
CA LYS A 387 -8.96 -15.58 7.68
C LYS A 387 -10.48 -15.69 7.73
N GLY A 388 -11.08 -15.01 8.72
CA GLY A 388 -12.52 -15.02 8.90
C GLY A 388 -13.05 -16.13 9.78
N ASP A 389 -12.20 -17.07 10.20
CA ASP A 389 -12.66 -18.15 11.05
C ASP A 389 -12.93 -17.64 12.46
N ILE A 390 -13.59 -18.48 13.26
CA ILE A 390 -13.95 -18.16 14.64
C ILE A 390 -13.20 -19.10 15.56
N VAL A 391 -12.49 -18.54 16.53
CA VAL A 391 -11.71 -19.34 17.47
C VAL A 391 -12.65 -19.99 18.47
N GLU A 392 -12.54 -21.31 18.61
CA GLU A 392 -13.40 -22.06 19.50
C GLU A 392 -12.60 -23.16 20.18
N LYS A 393 -12.90 -23.40 21.46
CA LYS A 393 -12.28 -24.50 22.19
C LYS A 393 -12.84 -25.83 21.69
N HIS A 394 -12.06 -26.89 21.90
CA HIS A 394 -12.43 -28.22 21.43
C HIS A 394 -13.00 -29.12 22.51
N GLY A 395 -12.56 -28.97 23.76
CA GLY A 395 -12.97 -29.91 24.80
C GLY A 395 -14.46 -29.88 25.07
N LEU A 396 -15.03 -28.68 25.23
CA LEU A 396 -16.41 -28.56 25.66
C LEU A 396 -17.37 -28.78 24.51
N PRO A 397 -18.62 -29.13 24.82
CA PRO A 397 -19.59 -29.45 23.76
C PRO A 397 -20.19 -28.19 23.15
N SER A 398 -20.81 -28.40 21.98
CA SER A 398 -21.45 -27.29 21.27
C SER A 398 -22.41 -27.88 20.24
N ALA A 399 -23.68 -27.51 20.33
CA ALA A 399 -24.66 -27.95 19.35
C ALA A 399 -24.43 -27.25 18.00
N ASP A 400 -24.93 -27.87 16.94
CA ASP A 400 -24.78 -27.36 15.59
C ASP A 400 -26.12 -26.81 15.10
N ALA A 401 -26.09 -25.57 14.60
CA ALA A 401 -27.29 -24.93 14.06
C ALA A 401 -26.85 -23.82 13.13
N PRO A 402 -27.73 -23.36 12.24
CA PRO A 402 -27.36 -22.27 11.33
C PRO A 402 -26.99 -21.02 12.09
N SER A 403 -26.03 -20.28 11.55
CA SER A 403 -25.53 -19.05 12.15
C SER A 403 -26.03 -17.85 11.36
N LEU A 404 -26.64 -16.90 12.05
CA LEU A 404 -27.10 -15.68 11.41
C LEU A 404 -25.91 -14.82 10.97
N LYS A 405 -26.10 -14.11 9.85
CA LYS A 405 -25.02 -13.28 9.35
C LYS A 405 -24.63 -12.20 10.34
N GLU A 406 -25.62 -11.54 10.96
CA GLU A 406 -25.33 -10.47 11.92
C GLU A 406 -24.63 -11.00 13.16
N SER A 407 -24.79 -12.28 13.49
CA SER A 407 -24.15 -12.82 14.69
C SER A 407 -22.65 -12.97 14.53
N LEU A 408 -22.14 -12.94 13.30
CA LEU A 408 -20.71 -13.14 13.08
C LEU A 408 -19.85 -12.11 13.80
N PRO A 409 -20.13 -10.80 13.71
CA PRO A 409 -19.26 -9.83 14.36
C PRO A 409 -19.13 -10.02 15.87
N LEU A 410 -20.18 -10.52 16.53
CA LEU A 410 -20.13 -10.73 17.97
C LEU A 410 -19.42 -12.03 18.30
N TYR A 411 -18.18 -12.18 17.84
CA TYR A 411 -17.39 -13.37 18.08
C TYR A 411 -15.92 -12.97 18.10
N VAL A 412 -15.04 -13.98 18.06
CA VAL A 412 -13.60 -13.77 17.91
C VAL A 412 -13.19 -14.37 16.58
N VAL A 413 -12.62 -13.54 15.71
CA VAL A 413 -12.28 -13.94 14.35
C VAL A 413 -10.79 -13.75 14.14
N ALA A 414 -10.16 -14.72 13.48
CA ALA A 414 -8.74 -14.61 13.18
C ALA A 414 -8.48 -13.43 12.25
N ASP A 415 -7.34 -12.77 12.45
CA ASP A 415 -7.00 -11.59 11.66
C ASP A 415 -6.40 -11.98 10.31
N ILE A 416 -5.42 -12.88 10.32
CA ILE A 416 -4.73 -13.30 9.11
C ILE A 416 -4.62 -14.82 9.08
N ALA A 417 -4.36 -15.34 7.89
CA ALA A 417 -4.19 -16.78 7.75
C ALA A 417 -2.98 -17.25 8.53
N THR A 418 -3.05 -18.47 9.06
CA THR A 418 -2.01 -19.02 9.92
C THR A 418 -1.40 -20.24 9.25
N SER A 419 -0.08 -20.26 9.15
CA SER A 419 0.65 -21.39 8.59
C SER A 419 2.09 -21.32 9.08
N PHE A 420 2.81 -22.43 8.94
CA PHE A 420 4.18 -22.49 9.43
C PHE A 420 5.07 -21.45 8.74
N THR A 421 4.95 -21.34 7.42
CA THR A 421 5.83 -20.43 6.69
C THR A 421 5.56 -18.98 7.07
N VAL A 422 4.28 -18.59 7.12
CA VAL A 422 3.95 -17.21 7.48
C VAL A 422 4.36 -16.93 8.91
N LEU A 423 4.17 -17.90 9.81
CA LEU A 423 4.57 -17.71 11.20
C LEU A 423 6.07 -17.51 11.31
N VAL A 424 6.85 -18.32 10.58
CA VAL A 424 8.30 -18.17 10.61
C VAL A 424 8.71 -16.81 10.07
N GLY A 425 8.10 -16.40 8.96
CA GLY A 425 8.40 -15.09 8.41
C GLY A 425 8.10 -13.96 9.39
N ILE A 426 6.99 -14.07 10.10
CA ILE A 426 6.64 -13.04 11.07
C ILE A 426 7.60 -13.04 12.25
N PHE A 427 7.98 -14.23 12.72
CA PHE A 427 8.79 -14.30 13.94
C PHE A 427 10.26 -13.96 13.69
N PHE A 428 10.79 -14.27 12.52
CA PHE A 428 12.23 -14.12 12.30
C PHE A 428 12.77 -12.74 12.67
N PRO A 429 12.13 -11.63 12.28
CA PRO A 429 12.70 -10.32 12.61
C PRO A 429 12.92 -10.11 14.10
N SER A 430 12.22 -10.84 14.95
CA SER A 430 12.42 -10.70 16.40
C SER A 430 13.74 -11.31 16.85
N VAL A 431 14.45 -12.04 15.99
CA VAL A 431 15.68 -12.73 16.36
C VAL A 431 16.90 -12.10 15.74
N THR A 432 16.77 -10.99 15.02
CA THR A 432 17.91 -10.36 14.38
C THR A 432 18.51 -9.30 15.30
N GLY A 433 19.52 -8.60 14.80
CA GLY A 433 20.20 -7.57 15.57
C GLY A 433 21.47 -7.99 16.26
N ILE A 434 22.00 -9.18 15.95
CA ILE A 434 23.22 -9.66 16.60
C ILE A 434 24.46 -8.87 16.21
N MET A 435 24.33 -7.92 15.27
CA MET A 435 25.46 -7.16 14.79
C MET A 435 25.75 -5.91 15.62
N ALA A 436 24.97 -5.67 16.68
CA ALA A 436 25.19 -4.48 17.48
C ALA A 436 26.61 -4.41 18.01
N GLY A 437 27.10 -5.52 18.58
CA GLY A 437 28.47 -5.56 19.05
C GLY A 437 29.50 -5.84 17.98
N SER A 438 29.07 -6.18 16.77
CA SER A 438 29.99 -6.46 15.68
C SER A 438 30.37 -5.21 14.91
N ASN A 439 29.37 -4.45 14.44
CA ASN A 439 29.67 -3.22 13.71
C ASN A 439 30.37 -2.21 14.61
N ARG A 440 29.92 -2.09 15.84
CA ARG A 440 30.55 -1.18 16.80
C ARG A 440 31.91 -1.73 17.20
N SER A 441 32.98 -1.15 16.66
CA SER A 441 34.33 -1.62 16.96
C SER A 441 35.28 -0.51 17.35
N GLY A 442 34.82 0.75 17.40
CA GLY A 442 35.71 1.82 17.81
C GLY A 442 36.28 1.62 19.20
N ASP A 443 35.43 1.20 20.13
CA ASP A 443 35.87 0.84 21.48
C ASP A 443 36.20 -0.65 21.52
N LEU A 444 36.21 -1.22 22.72
CA LEU A 444 36.44 -2.65 22.90
C LEU A 444 37.81 -3.06 22.32
N ARG A 445 38.85 -2.49 22.91
CA ARG A 445 40.22 -2.79 22.50
C ARG A 445 40.46 -4.29 22.57
N ASP A 446 41.16 -4.81 21.56
CA ASP A 446 41.35 -6.25 21.39
C ASP A 446 40.01 -6.94 21.13
N ALA A 447 39.33 -6.46 20.09
CA ALA A 447 38.01 -7.00 19.75
C ALA A 447 38.06 -8.49 19.44
N GLN A 448 39.22 -9.02 19.06
CA GLN A 448 39.32 -10.43 18.69
C GLN A 448 38.86 -11.32 19.83
N LYS A 449 39.24 -10.99 21.06
CA LYS A 449 38.89 -11.79 22.23
C LYS A 449 37.57 -11.37 22.85
N SER A 450 36.84 -10.43 22.24
CA SER A 450 35.62 -9.90 22.83
C SER A 450 34.39 -10.16 21.98
N ILE A 451 34.44 -9.86 20.68
CA ILE A 451 33.24 -9.95 19.84
C ILE A 451 32.66 -11.36 19.83
N PRO A 452 33.44 -12.42 19.59
CA PRO A 452 32.84 -13.75 19.42
C PRO A 452 32.19 -14.26 20.70
N VAL A 453 32.92 -14.19 21.81
CA VAL A 453 32.40 -14.71 23.07
C VAL A 453 31.13 -13.96 23.46
N GLY A 454 31.16 -12.63 23.36
CA GLY A 454 29.98 -11.86 23.73
C GLY A 454 28.78 -12.18 22.85
N THR A 455 29.00 -12.23 21.54
CA THR A 455 27.89 -12.53 20.63
C THR A 455 27.30 -13.89 20.92
N ILE A 456 28.16 -14.90 21.10
CA ILE A 456 27.66 -16.25 21.35
C ILE A 456 26.90 -16.31 22.66
N LEU A 457 27.44 -15.69 23.72
CA LEU A 457 26.76 -15.72 25.01
C LEU A 457 25.39 -15.06 24.93
N ALA A 458 25.32 -13.87 24.33
CA ALA A 458 24.05 -13.18 24.24
C ALA A 458 23.05 -13.98 23.41
N ILE A 459 23.49 -14.53 22.28
CA ILE A 459 22.58 -15.27 21.42
C ILE A 459 22.05 -16.51 22.13
N ILE A 460 22.93 -17.24 22.82
CA ILE A 460 22.49 -18.45 23.51
C ILE A 460 21.52 -18.10 24.64
N THR A 461 21.82 -17.05 25.41
CA THR A 461 20.91 -16.68 26.49
C THR A 461 19.55 -16.28 25.95
N THR A 462 19.52 -15.52 24.84
CA THR A 462 18.26 -15.14 24.24
C THR A 462 17.47 -16.35 23.78
N SER A 463 18.15 -17.30 23.12
CA SER A 463 17.45 -18.50 22.65
C SER A 463 16.87 -19.29 23.82
N LEU A 464 17.65 -19.46 24.89
CA LEU A 464 17.16 -20.19 26.04
C LEU A 464 15.95 -19.51 26.66
N VAL A 465 16.01 -18.19 26.81
CA VAL A 465 14.87 -17.46 27.38
C VAL A 465 13.65 -17.61 26.49
N TYR A 466 13.84 -17.53 25.18
CA TYR A 466 12.71 -17.69 24.26
C TYR A 466 12.06 -19.06 24.42
N PHE A 467 12.89 -20.11 24.46
CA PHE A 467 12.35 -21.47 24.59
C PHE A 467 11.57 -21.61 25.89
N SER A 468 12.17 -21.18 27.00
CA SER A 468 11.49 -21.31 28.29
C SER A 468 10.19 -20.53 28.31
N SER A 469 10.19 -19.31 27.77
CA SER A 469 8.99 -18.49 27.76
C SER A 469 7.89 -19.15 26.93
N VAL A 470 8.24 -19.68 25.75
CA VAL A 470 7.23 -20.32 24.93
C VAL A 470 6.63 -21.53 25.62
N VAL A 471 7.49 -22.34 26.26
CA VAL A 471 6.97 -23.52 26.95
C VAL A 471 6.05 -23.12 28.10
N LEU A 472 6.45 -22.12 28.87
CA LEU A 472 5.62 -21.68 29.99
C LEU A 472 4.29 -21.13 29.51
N PHE A 473 4.31 -20.34 28.43
CA PHE A 473 3.07 -19.81 27.89
C PHE A 473 2.16 -20.94 27.44
N GLY A 474 2.71 -21.94 26.75
CA GLY A 474 1.90 -23.07 26.34
C GLY A 474 1.30 -23.81 27.51
N ALA A 475 2.06 -23.95 28.59
CA ALA A 475 1.63 -24.77 29.72
C ALA A 475 0.85 -23.99 30.78
N CYS A 476 0.68 -22.68 30.62
CA CYS A 476 0.05 -21.86 31.66
C CYS A 476 -1.31 -21.30 31.24
N ILE A 477 -1.37 -20.59 30.13
CA ILE A 477 -2.58 -19.87 29.74
C ILE A 477 -3.50 -20.80 28.95
N GLU A 478 -4.80 -20.53 29.03
CA GLU A 478 -5.78 -21.34 28.31
C GLU A 478 -5.61 -21.17 26.81
N GLY A 479 -5.72 -22.28 26.09
CA GLY A 479 -5.44 -22.27 24.67
C GLY A 479 -6.28 -21.28 23.90
N VAL A 480 -7.57 -21.17 24.24
CA VAL A 480 -8.47 -20.32 23.48
C VAL A 480 -8.02 -18.87 23.54
N VAL A 481 -7.62 -18.40 24.72
CA VAL A 481 -7.20 -17.01 24.86
C VAL A 481 -5.94 -16.73 24.05
N LEU A 482 -5.03 -17.70 23.97
CA LEU A 482 -3.72 -17.45 23.36
C LEU A 482 -3.86 -16.94 21.94
N ARG A 483 -4.68 -17.59 21.12
CA ARG A 483 -4.87 -17.16 19.75
C ARG A 483 -5.84 -16.00 19.62
N ASP A 484 -6.28 -15.41 20.73
CA ASP A 484 -7.16 -14.25 20.71
C ASP A 484 -6.31 -12.99 20.61
N LYS A 485 -5.78 -12.76 19.41
CA LYS A 485 -4.94 -11.60 19.18
C LYS A 485 -5.73 -10.31 19.34
N TYR A 486 -5.03 -9.24 19.72
CA TYR A 486 -5.54 -7.91 19.97
C TYR A 486 -6.27 -7.82 21.29
N GLY A 487 -6.45 -8.93 22.02
CA GLY A 487 -7.14 -8.90 23.30
C GLY A 487 -8.62 -8.66 23.23
N ASP A 488 -9.21 -8.62 22.03
CA ASP A 488 -10.65 -8.37 21.92
C ASP A 488 -11.45 -9.41 22.69
N GLY A 489 -10.91 -10.61 22.86
CA GLY A 489 -11.60 -11.63 23.63
C GLY A 489 -11.89 -11.20 25.05
N VAL A 490 -10.92 -10.55 25.69
CA VAL A 490 -11.04 -10.11 27.09
C VAL A 490 -10.67 -8.64 27.14
N SER A 491 -11.67 -7.77 26.98
CA SER A 491 -11.54 -6.32 27.22
C SER A 491 -10.29 -5.72 26.59
N ARG A 492 -9.75 -6.37 25.56
CA ARG A 492 -8.62 -5.81 24.82
C ARG A 492 -7.37 -5.63 25.68
N ASN A 493 -7.43 -6.07 26.94
CA ASN A 493 -6.28 -5.90 27.81
C ASN A 493 -5.25 -7.00 27.55
N LEU A 494 -3.99 -6.69 27.89
CA LEU A 494 -2.88 -7.59 27.59
C LEU A 494 -2.97 -8.85 28.45
N VAL A 495 -3.15 -9.99 27.79
CA VAL A 495 -3.24 -11.26 28.53
C VAL A 495 -1.93 -11.55 29.25
N VAL A 496 -0.81 -11.43 28.53
CA VAL A 496 0.48 -11.71 29.14
C VAL A 496 0.74 -10.79 30.32
N GLY A 497 0.18 -9.59 30.29
CA GLY A 497 0.34 -8.69 31.42
C GLY A 497 -0.21 -9.25 32.71
N THR A 498 -1.38 -9.89 32.64
CA THR A 498 -1.96 -10.50 33.83
C THR A 498 -1.08 -11.60 34.40
N LEU A 499 -0.23 -12.21 33.57
CA LEU A 499 0.69 -13.21 34.08
C LEU A 499 1.75 -12.59 34.97
N ALA A 500 2.07 -11.32 34.77
CA ALA A 500 3.09 -10.66 35.58
C ALA A 500 2.71 -10.69 37.04
N TRP A 501 3.72 -10.89 37.90
CA TRP A 501 3.46 -10.99 39.34
C TRP A 501 2.84 -9.71 39.90
N PRO A 502 3.51 -8.57 39.87
CA PRO A 502 2.94 -7.37 40.50
C PRO A 502 1.69 -6.86 39.77
N SER A 503 1.82 -6.59 38.47
CA SER A 503 0.69 -6.07 37.70
C SER A 503 1.08 -5.92 36.24
N PRO A 504 0.11 -5.71 35.35
CA PRO A 504 0.44 -5.54 33.92
C PRO A 504 1.29 -4.32 33.64
N TRP A 505 1.33 -3.34 34.55
CA TRP A 505 2.14 -2.14 34.30
C TRP A 505 3.61 -2.50 34.15
N VAL A 506 4.10 -3.44 34.94
CA VAL A 506 5.51 -3.83 34.84
C VAL A 506 5.81 -4.35 33.44
N ILE A 507 4.96 -5.23 32.92
CA ILE A 507 5.22 -5.81 31.61
C ILE A 507 5.07 -4.76 30.52
N VAL A 508 4.08 -3.88 30.64
CA VAL A 508 3.89 -2.85 29.61
C VAL A 508 5.10 -1.92 29.55
N ILE A 509 5.56 -1.46 30.72
CA ILE A 509 6.72 -0.58 30.74
C ILE A 509 7.96 -1.31 30.27
N GLY A 510 8.08 -2.60 30.60
CA GLY A 510 9.21 -3.38 30.12
C GLY A 510 9.23 -3.46 28.60
N SER A 511 8.09 -3.73 27.99
CA SER A 511 8.02 -3.78 26.54
C SER A 511 8.36 -2.43 25.92
N PHE A 512 7.82 -1.35 26.50
CA PHE A 512 8.10 -0.02 25.96
C PHE A 512 9.60 0.29 26.02
N PHE A 513 10.22 0.02 27.17
CA PHE A 513 11.64 0.29 27.31
C PHE A 513 12.47 -0.61 26.40
N SER A 514 12.06 -1.86 26.23
CA SER A 514 12.78 -2.76 25.34
C SER A 514 12.78 -2.24 23.91
N THR A 515 11.60 -1.84 23.42
CA THR A 515 11.55 -1.33 22.05
C THR A 515 12.35 -0.05 21.91
N CYS A 516 12.23 0.86 22.89
CA CYS A 516 13.00 2.11 22.81
C CYS A 516 14.49 1.84 22.80
N GLY A 517 14.96 0.94 23.68
CA GLY A 517 16.37 0.63 23.73
C GLY A 517 16.87 -0.03 22.47
N ALA A 518 16.07 -0.94 21.89
CA ALA A 518 16.48 -1.56 20.64
C ALA A 518 16.62 -0.52 19.54
N GLY A 519 15.65 0.39 19.45
CA GLY A 519 15.77 1.47 18.47
C GLY A 519 17.01 2.30 18.69
N LEU A 520 17.28 2.66 19.95
CA LEU A 520 18.46 3.48 20.25
C LEU A 520 19.75 2.75 19.88
N GLN A 521 19.83 1.45 20.19
CA GLN A 521 21.03 0.69 19.87
C GLN A 521 21.25 0.60 18.38
N SER A 522 20.18 0.35 17.61
CA SER A 522 20.32 0.31 16.16
C SER A 522 20.76 1.66 15.62
N LEU A 523 20.18 2.75 16.15
CA LEU A 523 20.56 4.08 15.70
C LEU A 523 22.03 4.36 15.99
N THR A 524 22.51 3.94 17.17
CA THR A 524 23.92 4.12 17.49
C THR A 524 24.80 3.29 16.57
N GLY A 525 24.37 2.06 16.26
CA GLY A 525 25.19 1.20 15.43
C GLY A 525 25.34 1.70 13.99
N ALA A 526 24.25 2.21 13.41
CA ALA A 526 24.27 2.54 11.99
C ALA A 526 25.39 3.50 11.61
N PRO A 527 25.61 4.62 12.32
CA PRO A 527 26.64 5.56 11.89
C PRO A 527 28.03 4.97 11.83
N ARG A 528 28.36 4.02 12.71
CA ARG A 528 29.67 3.39 12.65
C ARG A 528 29.86 2.67 11.33
N LEU A 529 28.85 1.91 10.91
CA LEU A 529 28.93 1.22 9.63
C LEU A 529 28.99 2.20 8.48
N LEU A 530 28.22 3.28 8.53
CA LEU A 530 28.27 4.27 7.47
C LEU A 530 29.67 4.88 7.35
N GLN A 531 30.27 5.25 8.48
CA GLN A 531 31.60 5.81 8.47
C GLN A 531 32.62 4.81 7.94
N ALA A 532 32.50 3.54 8.35
CA ALA A 532 33.42 2.52 7.85
C ALA A 532 33.30 2.37 6.34
N ILE A 533 32.08 2.37 5.82
CA ILE A 533 31.89 2.28 4.37
C ILE A 533 32.50 3.48 3.68
N ALA A 534 32.24 4.69 4.19
CA ALA A 534 32.73 5.89 3.55
C ALA A 534 34.22 6.11 3.79
N LYS A 535 34.75 5.62 4.91
CA LYS A 535 36.16 5.82 5.21
C LYS A 535 37.04 5.29 4.08
N ASP A 536 36.60 4.26 3.38
CA ASP A 536 37.30 3.73 2.23
C ASP A 536 36.68 4.29 0.97
N ASN A 537 37.53 4.69 0.01
CA ASN A 537 37.07 5.26 -1.26
C ASN A 537 36.55 4.13 -2.15
N ILE A 538 35.47 3.52 -1.70
CA ILE A 538 34.82 2.43 -2.44
C ILE A 538 33.63 3.00 -3.21
N ILE A 539 32.86 3.84 -2.54
CA ILE A 539 31.72 4.52 -3.13
C ILE A 539 32.10 5.98 -3.34
N PRO A 540 32.18 6.46 -4.58
CA PRO A 540 32.73 7.82 -4.80
C PRO A 540 31.97 8.92 -4.08
N PHE A 541 30.65 8.83 -4.00
CA PHE A 541 29.86 9.94 -3.48
C PHE A 541 29.63 9.87 -1.98
N LEU A 542 30.23 8.90 -1.29
CA LEU A 542 30.17 8.83 0.17
C LEU A 542 31.45 9.37 0.82
N ARG A 543 32.34 9.98 0.05
CA ARG A 543 33.61 10.45 0.60
C ARG A 543 33.39 11.48 1.70
N VAL A 544 32.44 12.40 1.50
CA VAL A 544 32.21 13.45 2.48
C VAL A 544 31.76 12.86 3.81
N PHE A 545 31.10 11.71 3.78
CA PHE A 545 30.60 11.10 5.01
C PHE A 545 31.70 10.35 5.75
N GLY A 546 32.82 11.03 6.00
CA GLY A 546 33.93 10.41 6.68
C GLY A 546 34.69 11.45 7.48
N HIS A 547 35.70 10.98 8.21
CA HIS A 547 36.52 11.83 9.05
C HIS A 547 35.66 12.65 10.01
N GLY A 548 34.88 11.93 10.81
CA GLY A 548 34.00 12.56 11.77
C GLY A 548 34.75 13.25 12.88
N LYS A 549 34.06 13.54 13.98
CA LYS A 549 34.69 14.22 15.10
C LYS A 549 35.90 13.44 15.59
N VAL A 550 36.77 14.13 16.33
CA VAL A 550 37.96 13.48 16.86
C VAL A 550 37.54 12.27 17.71
N ASN A 551 38.48 11.35 17.87
CA ASN A 551 38.30 10.09 18.60
C ASN A 551 37.53 9.07 17.77
N GLY A 552 37.27 9.35 16.50
CA GLY A 552 36.60 8.41 15.63
C GLY A 552 35.09 8.40 15.71
N GLU A 553 34.49 9.27 16.50
CA GLU A 553 33.04 9.28 16.61
C GLU A 553 32.43 9.63 15.26
N PRO A 554 31.28 9.05 14.92
CA PRO A 554 30.68 9.29 13.60
C PRO A 554 29.95 10.63 13.58
N THR A 555 30.40 11.53 12.70
CA THR A 555 29.76 12.82 12.50
C THR A 555 29.59 13.08 11.02
N TRP A 556 28.52 13.79 10.68
CA TRP A 556 28.15 14.06 9.29
C TRP A 556 27.59 12.82 8.62
N ALA A 557 27.64 11.68 9.31
CA ALA A 557 26.90 10.49 8.93
C ALA A 557 25.71 10.22 9.84
N LEU A 558 25.85 10.56 11.13
CA LEU A 558 24.70 10.58 12.01
C LEU A 558 23.59 11.43 11.43
N LEU A 559 23.93 12.52 10.75
CA LEU A 559 22.92 13.34 10.10
C LEU A 559 22.17 12.55 9.05
N LEU A 560 22.88 11.82 8.19
CA LEU A 560 22.23 11.05 7.16
C LEU A 560 21.33 9.97 7.76
N THR A 561 21.83 9.25 8.76
CA THR A 561 21.02 8.21 9.39
C THR A 561 19.79 8.81 10.06
N ALA A 562 19.94 9.96 10.71
CA ALA A 562 18.80 10.61 11.35
C ALA A 562 17.77 11.05 10.34
N LEU A 563 18.22 11.58 9.19
CA LEU A 563 17.27 11.96 8.15
C LEU A 563 16.54 10.74 7.59
N ILE A 564 17.25 9.64 7.40
CA ILE A 564 16.59 8.41 6.93
C ILE A 564 15.54 7.97 7.93
N ALA A 565 15.89 7.97 9.21
CA ALA A 565 14.93 7.60 10.24
C ALA A 565 13.74 8.55 10.28
N GLU A 566 14.00 9.84 10.07
CA GLU A 566 12.92 10.82 10.04
C GLU A 566 11.97 10.57 8.89
N LEU A 567 12.51 10.24 7.72
CA LEU A 567 11.65 9.88 6.59
C LEU A 567 10.83 8.64 6.93
N GLY A 568 11.45 7.63 7.53
CA GLY A 568 10.70 6.46 7.93
C GLY A 568 9.58 6.80 8.89
N ILE A 569 9.85 7.67 9.86
CA ILE A 569 8.83 8.09 10.81
C ILE A 569 7.70 8.81 10.08
N LEU A 570 8.05 9.72 9.17
CA LEU A 570 7.04 10.43 8.40
C LEU A 570 6.14 9.46 7.65
N ILE A 571 6.72 8.36 7.15
CA ILE A 571 5.88 7.31 6.58
C ILE A 571 4.91 6.79 7.64
N ALA A 572 5.42 6.53 8.84
CA ALA A 572 4.62 6.10 9.99
C ALA A 572 3.84 4.82 9.73
N SER A 573 4.13 4.12 8.63
CA SER A 573 3.48 2.85 8.31
C SER A 573 4.51 1.86 7.80
N LEU A 574 5.69 1.84 8.43
CA LEU A 574 6.76 0.98 7.98
C LEU A 574 6.41 -0.49 8.11
N ASP A 575 5.38 -0.82 8.90
CA ASP A 575 4.95 -2.21 9.00
C ASP A 575 4.52 -2.76 7.65
N MET A 576 4.15 -1.90 6.70
CA MET A 576 3.79 -2.38 5.37
C MET A 576 4.95 -3.09 4.71
N VAL A 577 6.11 -2.45 4.65
CA VAL A 577 7.34 -3.11 4.15
C VAL A 577 8.03 -3.69 5.38
N ALA A 578 7.52 -4.82 5.84
CA ALA A 578 8.15 -5.58 6.91
C ALA A 578 9.24 -6.48 6.37
N PRO A 579 8.96 -7.26 5.33
CA PRO A 579 9.94 -8.26 4.88
C PRO A 579 11.20 -7.69 4.26
N ILE A 580 11.22 -6.41 3.88
CA ILE A 580 12.42 -5.88 3.22
C ILE A 580 13.60 -5.88 4.19
N LEU A 581 13.39 -5.44 5.43
CA LEU A 581 14.46 -5.45 6.41
C LEU A 581 14.90 -6.87 6.73
N SER A 582 13.95 -7.80 6.81
CA SER A 582 14.30 -9.20 7.02
C SER A 582 15.16 -9.72 5.90
N MET A 583 14.82 -9.40 4.66
CA MET A 583 15.61 -9.83 3.52
C MET A 583 17.02 -9.24 3.59
N PHE A 584 17.12 -7.96 3.93
CA PHE A 584 18.44 -7.34 4.05
C PHE A 584 19.29 -8.04 5.11
N PHE A 585 18.70 -8.29 6.28
CA PHE A 585 19.45 -8.93 7.35
C PHE A 585 19.88 -10.34 6.97
N LEU A 586 18.98 -11.10 6.36
CA LEU A 586 19.33 -12.45 5.95
C LEU A 586 20.40 -12.45 4.87
N MET A 587 20.33 -11.50 3.95
CA MET A 587 21.39 -11.40 2.94
C MET A 587 22.73 -11.10 3.59
N CYS A 588 22.75 -10.18 4.56
CA CYS A 588 24.00 -9.87 5.24
C CYS A 588 24.55 -11.09 5.97
N TYR A 589 23.69 -11.82 6.68
CA TYR A 589 24.15 -12.99 7.42
C TYR A 589 24.66 -14.06 6.47
N LEU A 590 23.95 -14.30 5.37
CA LEU A 590 24.39 -15.30 4.40
C LEU A 590 25.73 -14.92 3.79
N PHE A 591 25.91 -13.64 3.47
CA PHE A 591 27.17 -13.21 2.90
C PHE A 591 28.31 -13.34 3.92
N VAL A 592 28.03 -13.07 5.19
CA VAL A 592 29.04 -13.28 6.22
C VAL A 592 29.43 -14.75 6.29
N ASN A 593 28.44 -15.64 6.25
CA ASN A 593 28.73 -17.07 6.28
C ASN A 593 29.58 -17.49 5.09
N LEU A 594 29.21 -17.00 3.90
CA LEU A 594 29.97 -17.37 2.70
C LEU A 594 31.39 -16.81 2.76
N ALA A 595 31.55 -15.59 3.26
CA ALA A 595 32.88 -15.03 3.40
C ALA A 595 33.72 -15.85 4.36
N CYS A 596 33.14 -16.28 5.47
CA CYS A 596 33.88 -17.14 6.40
C CYS A 596 34.29 -18.43 5.73
N ALA A 597 33.37 -19.04 4.97
CA ALA A 597 33.69 -20.31 4.31
C ALA A 597 34.84 -20.12 3.33
N VAL A 598 34.76 -19.09 2.48
CA VAL A 598 35.81 -18.87 1.49
C VAL A 598 37.14 -18.56 2.16
N GLN A 599 37.12 -17.70 3.19
CA GLN A 599 38.36 -17.34 3.86
C GLN A 599 39.02 -18.57 4.48
N THR A 600 38.23 -19.41 5.17
CA THR A 600 38.80 -20.64 5.71
C THR A 600 39.34 -21.53 4.61
N LEU A 601 38.62 -21.62 3.48
CA LEU A 601 39.09 -22.44 2.38
C LEU A 601 40.40 -21.89 1.81
N LEU A 602 40.51 -20.58 1.66
CA LEU A 602 41.65 -19.95 1.00
C LEU A 602 42.81 -19.76 1.98
N ARG A 603 43.27 -20.88 2.55
CA ARG A 603 44.45 -20.91 3.41
C ARG A 603 44.30 -19.93 4.58
N THR A 604 43.31 -20.21 5.43
CA THR A 604 43.07 -19.39 6.61
C THR A 604 43.64 -20.09 7.83
N PRO A 605 44.69 -19.56 8.45
CA PRO A 605 45.22 -20.20 9.67
C PRO A 605 44.34 -20.00 10.89
N ASN A 606 43.39 -19.07 10.86
CA ASN A 606 42.52 -18.82 12.00
C ASN A 606 41.75 -20.07 12.39
N TRP A 607 42.03 -20.60 13.57
CA TRP A 607 41.39 -21.83 14.03
C TRP A 607 41.20 -21.77 15.54
N ARG A 608 40.11 -22.35 16.01
CA ARG A 608 39.82 -22.46 17.43
C ARG A 608 40.60 -23.62 18.02
N PRO A 609 40.46 -23.88 19.32
CA PRO A 609 41.17 -25.02 19.90
C PRO A 609 40.87 -26.33 19.19
N ARG A 610 39.63 -26.52 18.74
CA ARG A 610 39.30 -27.71 17.95
C ARG A 610 39.95 -27.61 16.58
N PHE A 611 40.62 -28.69 16.18
CA PHE A 611 41.33 -28.75 14.90
C PHE A 611 40.55 -29.65 13.96
N LYS A 612 39.98 -29.07 12.91
CA LYS A 612 39.22 -29.83 11.92
C LYS A 612 38.77 -28.86 10.84
N TYR A 613 38.30 -29.42 9.72
CA TYR A 613 37.79 -28.65 8.61
C TYR A 613 36.27 -28.62 8.57
N TYR A 614 35.61 -29.06 9.65
CA TYR A 614 34.15 -29.09 9.69
C TYR A 614 33.54 -27.68 9.66
N HIS A 615 34.33 -26.64 9.88
CA HIS A 615 33.81 -25.28 9.82
C HIS A 615 33.27 -24.97 8.43
N TRP A 616 33.93 -25.48 7.39
CA TRP A 616 33.42 -25.31 6.03
C TRP A 616 32.00 -25.83 5.92
N ALA A 617 31.77 -27.08 6.34
CA ALA A 617 30.45 -27.67 6.26
C ALA A 617 29.45 -26.90 7.13
N LEU A 618 29.88 -26.47 8.32
CA LEU A 618 28.98 -25.75 9.20
C LEU A 618 28.51 -24.44 8.56
N SER A 619 29.46 -23.68 7.99
CA SER A 619 29.11 -22.42 7.34
C SER A 619 28.20 -22.66 6.14
N PHE A 620 28.51 -23.68 5.33
CA PHE A 620 27.66 -23.99 4.19
C PHE A 620 26.25 -24.34 4.63
N LEU A 621 26.13 -25.16 5.68
CA LEU A 621 24.83 -25.54 6.18
C LEU A 621 24.04 -24.33 6.65
N GLY A 622 24.67 -23.44 7.41
CA GLY A 622 23.97 -22.25 7.87
C GLY A 622 23.54 -21.35 6.72
N MET A 623 24.44 -21.13 5.76
CA MET A 623 24.13 -20.28 4.63
C MET A 623 22.94 -20.83 3.86
N SER A 624 22.96 -22.13 3.53
CA SER A 624 21.83 -22.71 2.82
C SER A 624 20.57 -22.62 3.67
N LEU A 625 20.68 -22.94 4.96
CA LEU A 625 19.52 -22.99 5.84
C LEU A 625 18.78 -21.66 5.83
N CYS A 626 19.44 -20.59 6.26
CA CYS A 626 18.73 -19.31 6.29
C CYS A 626 19.09 -18.41 5.11
N LEU A 627 19.35 -19.02 3.96
CA LEU A 627 19.01 -18.42 2.67
C LEU A 627 17.66 -18.94 2.19
N ALA A 628 17.47 -20.26 2.27
CA ALA A 628 16.14 -20.82 2.04
C ALA A 628 15.15 -20.24 3.04
N LEU A 629 15.62 -19.89 4.23
CA LEU A 629 14.75 -19.22 5.21
C LEU A 629 14.18 -17.93 4.64
N MET A 630 15.03 -17.06 4.09
CA MET A 630 14.54 -15.83 3.48
C MET A 630 13.67 -16.12 2.28
N PHE A 631 14.04 -17.14 1.49
CA PHE A 631 13.25 -17.48 0.33
C PHE A 631 11.82 -17.84 0.72
N VAL A 632 11.67 -18.74 1.69
CA VAL A 632 10.34 -19.14 2.15
C VAL A 632 9.64 -17.97 2.83
N SER A 633 10.39 -17.12 3.54
CA SER A 633 9.78 -15.95 4.18
C SER A 633 9.08 -15.09 3.14
N SER A 634 9.84 -14.54 2.20
CA SER A 634 9.22 -13.83 1.08
C SER A 634 10.18 -13.82 -0.11
N TRP A 635 10.01 -14.78 -1.02
CA TRP A 635 10.75 -14.72 -2.28
C TRP A 635 10.39 -13.47 -3.07
N TYR A 636 9.15 -13.01 -2.96
CA TYR A 636 8.73 -11.83 -3.71
C TYR A 636 9.65 -10.65 -3.45
N TYR A 637 9.95 -10.39 -2.17
CA TYR A 637 10.86 -9.31 -1.82
C TYR A 637 12.32 -9.74 -1.81
N ALA A 638 12.60 -11.04 -1.70
CA ALA A 638 13.97 -11.51 -1.82
C ALA A 638 14.52 -11.20 -3.21
N LEU A 639 13.69 -11.37 -4.24
CA LEU A 639 14.13 -11.03 -5.59
C LEU A 639 14.49 -9.54 -5.69
N VAL A 640 13.67 -8.68 -5.10
CA VAL A 640 13.94 -7.24 -5.16
C VAL A 640 15.23 -6.92 -4.40
N ALA A 641 15.42 -7.52 -3.23
CA ALA A 641 16.64 -7.27 -2.47
C ALA A 641 17.86 -7.75 -3.23
N MET A 642 17.78 -8.90 -3.88
CA MET A 642 18.90 -9.39 -4.67
C MET A 642 19.18 -8.44 -5.84
N LEU A 643 18.13 -7.93 -6.47
CA LEU A 643 18.33 -6.98 -7.56
C LEU A 643 19.01 -5.71 -7.08
N ILE A 644 18.61 -5.21 -5.92
CA ILE A 644 19.25 -4.01 -5.36
C ILE A 644 20.72 -4.28 -5.06
N ALA A 645 21.01 -5.44 -4.46
CA ALA A 645 22.40 -5.78 -4.19
C ALA A 645 23.21 -5.87 -5.48
N GLY A 646 22.63 -6.47 -6.52
CA GLY A 646 23.32 -6.53 -7.79
C GLY A 646 23.57 -5.17 -8.39
N MET A 647 22.60 -4.26 -8.27
CA MET A 647 22.80 -2.90 -8.77
C MET A 647 23.94 -2.21 -8.03
N ILE A 648 23.99 -2.36 -6.71
CA ILE A 648 25.08 -1.76 -5.94
C ILE A 648 26.42 -2.36 -6.36
N TYR A 649 26.45 -3.68 -6.56
CA TYR A 649 27.69 -4.32 -6.99
C TYR A 649 28.14 -3.81 -8.35
N LYS A 650 27.20 -3.66 -9.29
CA LYS A 650 27.55 -3.15 -10.60
C LYS A 650 28.06 -1.71 -10.51
N TYR A 651 27.42 -0.90 -9.66
CA TYR A 651 27.90 0.47 -9.48
C TYR A 651 29.31 0.50 -8.92
N ILE A 652 29.59 -0.36 -7.93
CA ILE A 652 30.93 -0.44 -7.38
C ILE A 652 31.93 -0.83 -8.46
N GLU A 653 31.58 -1.82 -9.29
CA GLU A 653 32.46 -2.22 -10.37
C GLU A 653 32.71 -1.06 -11.33
N TYR A 654 31.67 -0.29 -11.64
CA TYR A 654 31.84 0.87 -12.51
C TYR A 654 32.78 1.89 -11.88
N GLN A 655 32.67 2.11 -10.57
CA GLN A 655 33.52 3.09 -9.91
C GLN A 655 34.99 2.75 -10.01
N GLY A 656 35.34 1.49 -10.29
CA GLY A 656 36.73 1.09 -10.40
C GLY A 656 37.23 1.12 -11.83
N ALA B 115 12.69 8.16 -42.60
CA ALA B 115 12.30 9.42 -43.23
C ALA B 115 10.79 9.52 -43.38
N PRO B 116 10.08 9.58 -42.26
CA PRO B 116 8.62 9.65 -42.29
C PRO B 116 8.10 11.07 -42.30
N SER B 117 6.86 11.21 -42.76
CA SER B 117 6.17 12.51 -42.77
C SER B 117 4.67 12.21 -42.73
N MET B 118 4.06 12.36 -41.56
CA MET B 118 2.67 12.00 -41.36
C MET B 118 1.72 13.18 -41.55
N GLY B 119 2.21 14.35 -41.94
CA GLY B 119 1.31 15.45 -42.17
C GLY B 119 0.72 15.98 -40.87
N THR B 120 -0.37 16.75 -41.02
CA THR B 120 -1.02 17.38 -39.88
C THR B 120 -2.16 16.54 -39.32
N LEU B 121 -3.16 16.24 -40.15
CA LEU B 121 -4.36 15.55 -39.67
C LEU B 121 -4.01 14.29 -38.89
N MET B 122 -3.37 13.32 -39.56
CA MET B 122 -3.03 12.08 -38.90
C MET B 122 -1.80 12.25 -38.01
N GLY B 123 -0.87 13.13 -38.41
CA GLY B 123 0.37 13.25 -37.66
C GLY B 123 0.16 13.72 -36.24
N VAL B 124 -0.66 14.75 -36.05
CA VAL B 124 -0.80 15.38 -34.73
C VAL B 124 -2.22 15.47 -34.25
N TYR B 125 -3.24 15.50 -35.11
CA TYR B 125 -4.61 15.66 -34.62
C TYR B 125 -5.18 14.34 -34.11
N LEU B 126 -5.26 13.34 -34.99
CA LEU B 126 -5.87 12.06 -34.60
C LEU B 126 -5.21 11.43 -33.39
N PRO B 127 -3.88 11.33 -33.30
CA PRO B 127 -3.28 10.74 -32.09
C PRO B 127 -3.67 11.46 -30.81
N CYS B 128 -3.65 12.80 -30.83
CA CYS B 128 -3.96 13.55 -29.62
C CYS B 128 -5.41 13.32 -29.18
N LEU B 129 -6.35 13.46 -30.11
CA LEU B 129 -7.75 13.25 -29.77
C LEU B 129 -7.99 11.82 -29.31
N GLN B 130 -7.36 10.84 -29.97
CA GLN B 130 -7.55 9.45 -29.60
C GLN B 130 -7.03 9.17 -28.20
N ASN B 131 -5.89 9.75 -27.85
CA ASN B 131 -5.32 9.52 -26.53
C ASN B 131 -6.05 10.27 -25.43
N ILE B 132 -6.61 11.44 -25.74
CA ILE B 132 -7.21 12.28 -24.69
C ILE B 132 -8.45 11.60 -24.11
N PHE B 133 -9.25 10.95 -24.95
CA PHE B 133 -10.56 10.50 -24.51
C PHE B 133 -10.47 9.60 -23.28
N GLY B 134 -9.57 8.62 -23.31
CA GLY B 134 -9.51 7.73 -22.16
C GLY B 134 -10.78 6.92 -22.03
N VAL B 135 -11.10 6.57 -20.78
CA VAL B 135 -12.27 5.75 -20.49
C VAL B 135 -13.11 6.39 -19.39
N ILE B 136 -12.59 7.45 -18.79
CA ILE B 136 -13.33 8.12 -17.71
C ILE B 136 -14.68 8.61 -18.21
N LEU B 137 -14.76 8.99 -19.48
CA LEU B 137 -16.04 9.47 -20.02
C LEU B 137 -17.11 8.39 -19.97
N PHE B 138 -16.74 7.15 -20.29
CA PHE B 138 -17.74 6.09 -20.42
C PHE B 138 -18.28 5.62 -19.08
N LEU B 139 -17.45 5.58 -18.04
CA LEU B 139 -17.82 4.93 -16.78
C LEU B 139 -17.93 5.91 -15.62
N ARG B 140 -16.87 6.67 -15.32
CA ARG B 140 -16.87 7.52 -14.14
C ARG B 140 -17.57 8.86 -14.36
N LEU B 141 -17.84 9.25 -15.61
CA LEU B 141 -18.47 10.53 -15.84
C LEU B 141 -19.86 10.60 -15.23
N THR B 142 -20.62 9.51 -15.34
CA THR B 142 -21.95 9.48 -14.73
C THR B 142 -21.86 9.62 -13.22
N TRP B 143 -20.90 8.93 -12.60
CA TRP B 143 -20.73 9.05 -11.16
C TRP B 143 -20.39 10.48 -10.78
N MET B 144 -19.48 11.11 -11.51
CA MET B 144 -19.09 12.48 -11.20
C MET B 144 -20.27 13.42 -11.32
N VAL B 145 -21.03 13.30 -12.42
CA VAL B 145 -22.16 14.21 -12.64
C VAL B 145 -23.21 14.01 -11.55
N GLY B 146 -23.49 12.75 -11.19
CA GLY B 146 -24.47 12.50 -10.16
C GLY B 146 -24.05 13.03 -8.80
N THR B 147 -22.79 12.81 -8.43
CA THR B 147 -22.34 13.22 -7.10
C THR B 147 -22.22 14.74 -6.99
N ALA B 148 -21.60 15.38 -7.98
CA ALA B 148 -21.31 16.80 -7.90
C ALA B 148 -22.36 17.67 -8.58
N GLY B 149 -23.38 17.07 -9.18
CA GLY B 149 -24.38 17.83 -9.90
C GLY B 149 -23.85 18.31 -11.24
N VAL B 150 -24.77 18.86 -12.04
CA VAL B 150 -24.40 19.31 -13.38
C VAL B 150 -23.47 20.52 -13.30
N LEU B 151 -23.79 21.49 -12.44
CA LEU B 151 -23.03 22.73 -12.42
C LEU B 151 -21.59 22.50 -11.98
N GLN B 152 -21.40 21.73 -10.90
CA GLN B 152 -20.04 21.50 -10.40
C GLN B 152 -19.25 20.65 -11.38
N ALA B 153 -19.88 19.67 -12.02
CA ALA B 153 -19.19 18.88 -13.03
C ALA B 153 -18.76 19.76 -14.20
N LEU B 154 -19.63 20.66 -14.63
CA LEU B 154 -19.26 21.60 -15.69
C LEU B 154 -18.07 22.44 -15.26
N LEU B 155 -18.09 22.95 -14.03
CA LEU B 155 -17.00 23.79 -13.56
C LEU B 155 -15.68 23.01 -13.51
N ILE B 156 -15.71 21.77 -13.03
CA ILE B 156 -14.49 20.99 -12.91
C ILE B 156 -13.92 20.66 -14.29
N VAL B 157 -14.78 20.21 -15.20
CA VAL B 157 -14.32 19.92 -16.56
C VAL B 157 -13.78 21.18 -17.21
N LEU B 158 -14.42 22.33 -16.95
CA LEU B 158 -13.93 23.59 -17.49
C LEU B 158 -12.56 23.93 -16.96
N ILE B 159 -12.32 23.71 -15.66
CA ILE B 159 -11.01 24.00 -15.08
C ILE B 159 -9.94 23.14 -15.73
N CYS B 160 -10.19 21.84 -15.83
CA CYS B 160 -9.20 20.94 -16.41
C CYS B 160 -8.92 21.31 -17.86
N CYS B 161 -9.98 21.50 -18.65
CA CYS B 161 -9.80 21.86 -20.05
C CYS B 161 -9.14 23.22 -20.19
N CYS B 162 -9.36 24.12 -19.24
CA CYS B 162 -8.74 25.44 -19.30
C CYS B 162 -7.23 25.32 -19.11
N CYS B 163 -6.79 24.56 -18.11
CA CYS B 163 -5.35 24.37 -17.95
C CYS B 163 -4.76 23.71 -19.19
N THR B 164 -5.42 22.67 -19.70
CA THR B 164 -4.89 21.97 -20.85
C THR B 164 -4.82 22.88 -22.08
N LEU B 165 -5.83 23.71 -22.29
CA LEU B 165 -5.83 24.61 -23.43
C LEU B 165 -4.78 25.70 -23.28
N LEU B 166 -4.57 26.20 -22.05
CA LEU B 166 -3.51 27.19 -21.85
C LEU B 166 -2.15 26.60 -22.15
N THR B 167 -1.91 25.36 -21.69
CA THR B 167 -0.65 24.70 -22.02
C THR B 167 -0.50 24.51 -23.52
N ALA B 168 -1.58 24.11 -24.19
CA ALA B 168 -1.53 23.93 -25.64
C ALA B 168 -1.22 25.24 -26.35
N ILE B 169 -1.82 26.34 -25.89
CA ILE B 169 -1.58 27.64 -26.54
C ILE B 169 -0.15 28.09 -26.31
N SER B 170 0.39 27.85 -25.11
CA SER B 170 1.79 28.19 -24.86
C SER B 170 2.71 27.37 -25.76
N MET B 171 2.42 26.07 -25.90
CA MET B 171 3.24 25.25 -26.79
C MET B 171 3.15 25.73 -28.23
N SER B 172 1.95 26.12 -28.67
CA SER B 172 1.81 26.65 -30.02
C SER B 172 2.61 27.92 -30.20
N ALA B 173 2.58 28.81 -29.21
CA ALA B 173 3.37 30.03 -29.28
C ALA B 173 4.85 29.72 -29.38
N ILE B 174 5.33 28.75 -28.60
CA ILE B 174 6.74 28.38 -28.66
C ILE B 174 7.09 27.80 -30.01
N ALA B 175 6.24 26.94 -30.55
CA ALA B 175 6.50 26.29 -31.84
C ALA B 175 6.29 27.23 -33.02
N THR B 176 5.69 28.40 -32.80
CA THR B 176 5.50 29.35 -33.90
C THR B 176 6.82 29.67 -34.58
N ASN B 177 7.94 29.61 -33.85
CA ASN B 177 9.24 29.85 -34.45
C ASN B 177 9.54 28.89 -35.59
N GLY B 178 8.90 27.73 -35.62
CA GLY B 178 9.13 26.78 -36.69
C GLY B 178 10.54 26.25 -36.77
N VAL B 179 11.11 25.87 -35.63
CA VAL B 179 12.50 25.42 -35.58
C VAL B 179 12.65 24.04 -34.95
N VAL B 180 11.63 23.52 -34.27
CA VAL B 180 11.75 22.23 -33.59
C VAL B 180 12.08 21.15 -34.61
N PRO B 181 13.31 20.63 -34.60
CA PRO B 181 13.67 19.60 -35.59
C PRO B 181 13.27 18.22 -35.14
N ALA B 182 13.37 17.95 -33.84
CA ALA B 182 13.09 16.63 -33.29
C ALA B 182 12.91 16.77 -31.79
N GLY B 183 12.43 15.70 -31.17
CA GLY B 183 12.15 15.73 -29.75
C GLY B 183 10.90 16.51 -29.44
N GLY B 184 10.14 16.07 -28.44
CA GLY B 184 8.88 16.71 -28.12
C GLY B 184 9.04 17.95 -27.27
N SER B 185 8.20 18.09 -26.25
CA SER B 185 8.27 19.25 -25.38
C SER B 185 9.63 19.38 -24.69
N TYR B 186 10.34 18.26 -24.53
CA TYR B 186 11.65 18.34 -23.88
C TYR B 186 12.61 19.23 -24.64
N PHE B 187 12.65 19.08 -25.97
CA PHE B 187 13.55 19.91 -26.76
C PHE B 187 13.18 21.37 -26.64
N MET B 188 11.88 21.68 -26.71
CA MET B 188 11.44 23.07 -26.58
C MET B 188 11.86 23.65 -25.23
N ILE B 189 11.62 22.91 -24.15
CA ILE B 189 11.94 23.41 -22.83
C ILE B 189 13.45 23.59 -22.68
N SER B 190 14.24 22.64 -23.17
CA SER B 190 15.69 22.75 -23.06
C SER B 190 16.21 23.94 -23.85
N ARG B 191 15.70 24.14 -25.07
CA ARG B 191 16.14 25.26 -25.88
C ARG B 191 15.76 26.60 -25.25
N SER B 192 14.57 26.67 -24.65
CA SER B 192 14.10 27.95 -24.11
C SER B 192 14.74 28.26 -22.76
N LEU B 193 14.50 27.41 -21.77
CA LEU B 193 14.95 27.70 -20.41
C LEU B 193 16.40 27.30 -20.20
N GLY B 194 16.70 26.01 -20.38
CA GLY B 194 18.04 25.51 -20.13
C GLY B 194 18.07 24.00 -20.04
N PRO B 195 19.19 23.40 -20.45
CA PRO B 195 19.28 21.94 -20.46
C PRO B 195 19.09 21.31 -19.09
N GLU B 196 19.55 21.96 -18.02
CA GLU B 196 19.47 21.35 -16.71
C GLU B 196 18.03 21.06 -16.30
N PHE B 197 17.14 22.02 -16.51
CA PHE B 197 15.73 21.80 -16.20
C PHE B 197 15.06 20.93 -17.25
N GLY B 198 15.44 21.11 -18.51
CA GLY B 198 14.81 20.37 -19.58
C GLY B 198 15.01 18.86 -19.44
N GLY B 199 16.22 18.45 -19.06
CA GLY B 199 16.47 17.03 -18.89
C GLY B 199 15.59 16.41 -17.83
N ALA B 200 15.50 17.07 -16.67
CA ALA B 200 14.67 16.55 -15.59
C ALA B 200 13.20 16.50 -16.00
N VAL B 201 12.70 17.56 -16.62
CA VAL B 201 11.30 17.58 -17.03
C VAL B 201 11.04 16.48 -18.05
N GLY B 202 11.94 16.30 -19.01
CA GLY B 202 11.76 15.26 -20.01
C GLY B 202 11.77 13.86 -19.40
N LEU B 203 12.70 13.62 -18.46
CA LEU B 203 12.74 12.31 -17.82
C LEU B 203 11.45 12.03 -17.05
N CYS B 204 10.99 13.02 -16.28
CA CYS B 204 9.75 12.83 -15.53
C CYS B 204 8.58 12.59 -16.46
N PHE B 205 8.50 13.35 -17.55
CA PHE B 205 7.41 13.18 -18.51
C PHE B 205 7.47 11.81 -19.16
N TYR B 206 8.67 11.34 -19.50
CA TYR B 206 8.81 10.02 -20.11
C TYR B 206 8.35 8.93 -19.15
N LEU B 207 8.75 9.02 -17.89
CA LEU B 207 8.29 8.04 -16.91
C LEU B 207 6.77 8.07 -16.77
N GLY B 208 6.21 9.28 -16.70
CA GLY B 208 4.76 9.40 -16.60
C GLY B 208 4.04 8.79 -17.79
N THR B 209 4.56 9.03 -19.00
CA THR B 209 3.94 8.48 -20.19
C THR B 209 4.02 6.95 -20.20
N THR B 210 5.17 6.40 -19.83
CA THR B 210 5.30 4.95 -19.80
C THR B 210 4.32 4.34 -18.80
N PHE B 211 4.25 4.90 -17.60
CA PHE B 211 3.35 4.34 -16.60
C PHE B 211 1.89 4.54 -16.99
N ALA B 212 1.57 5.65 -17.66
CA ALA B 212 0.22 5.85 -18.15
C ALA B 212 -0.15 4.80 -19.19
N ALA B 213 0.79 4.47 -20.09
CA ALA B 213 0.54 3.42 -21.06
C ALA B 213 0.30 2.08 -20.36
N ALA B 214 1.12 1.78 -19.34
CA ALA B 214 0.93 0.54 -18.60
C ALA B 214 -0.44 0.49 -17.94
N MET B 215 -0.84 1.60 -17.31
CA MET B 215 -2.15 1.64 -16.65
C MET B 215 -3.29 1.54 -17.64
N TYR B 216 -3.13 2.15 -18.82
CA TYR B 216 -4.15 2.02 -19.86
C TYR B 216 -4.30 0.57 -20.29
N ILE B 217 -3.18 -0.12 -20.50
CA ILE B 217 -3.26 -1.51 -20.91
C ILE B 217 -3.90 -2.37 -19.82
N LEU B 218 -3.55 -2.10 -18.56
CA LEU B 218 -4.17 -2.84 -17.46
C LEU B 218 -5.67 -2.60 -17.42
N GLY B 219 -6.09 -1.35 -17.59
CA GLY B 219 -7.51 -1.05 -17.60
C GLY B 219 -8.23 -1.75 -18.74
N ALA B 220 -7.61 -1.78 -19.92
CA ALA B 220 -8.21 -2.48 -21.04
C ALA B 220 -8.36 -3.97 -20.73
N ILE B 221 -7.33 -4.57 -20.14
CA ILE B 221 -7.40 -6.00 -19.84
C ILE B 221 -8.50 -6.28 -18.81
N GLU B 222 -8.62 -5.42 -17.80
CA GLU B 222 -9.63 -5.65 -16.78
C GLU B 222 -11.04 -5.40 -17.33
N ILE B 223 -11.18 -4.43 -18.23
CA ILE B 223 -12.45 -4.24 -18.94
C ILE B 223 -12.82 -5.50 -19.69
N LEU B 224 -11.85 -6.07 -20.43
CA LEU B 224 -12.12 -7.29 -21.17
C LEU B 224 -12.54 -8.42 -20.23
N LEU B 225 -11.83 -8.56 -19.11
CA LEU B 225 -12.12 -9.65 -18.19
C LEU B 225 -13.52 -9.51 -17.59
N THR B 226 -13.88 -8.30 -17.14
CA THR B 226 -15.14 -8.14 -16.42
C THR B 226 -16.33 -8.20 -17.37
N TYR B 227 -16.24 -7.54 -18.52
CA TYR B 227 -17.40 -7.40 -19.40
C TYR B 227 -17.18 -7.97 -20.79
N ILE B 228 -15.99 -7.85 -21.36
CA ILE B 228 -15.78 -8.24 -22.76
C ILE B 228 -16.15 -9.70 -22.95
N ALA B 229 -15.45 -10.61 -22.27
CA ALA B 229 -15.74 -12.03 -22.45
C ALA B 229 -15.69 -12.80 -21.14
N PRO B 230 -16.36 -12.34 -20.09
CA PRO B 230 -16.53 -13.19 -18.89
C PRO B 230 -17.27 -14.47 -19.24
N PRO B 231 -18.22 -14.44 -20.17
CA PRO B 231 -18.93 -15.69 -20.52
C PRO B 231 -17.99 -16.80 -20.95
N ALA B 232 -16.88 -16.47 -21.62
CA ALA B 232 -15.88 -17.47 -21.99
C ALA B 232 -15.04 -17.83 -20.76
N ALA B 233 -15.74 -18.25 -19.71
CA ALA B 233 -15.17 -18.59 -18.41
C ALA B 233 -14.59 -17.39 -17.68
N ILE B 234 -14.63 -16.20 -18.29
CA ILE B 234 -14.03 -15.01 -17.70
C ILE B 234 -12.59 -15.32 -17.30
N PHE B 235 -11.91 -16.11 -18.12
CA PHE B 235 -10.55 -16.55 -17.82
C PHE B 235 -10.48 -17.28 -16.48
N TYR B 236 -11.52 -18.07 -16.19
CA TYR B 236 -11.55 -18.81 -14.94
C TYR B 236 -10.34 -19.73 -14.79
N PRO B 237 -9.95 -20.52 -15.79
CA PRO B 237 -8.73 -21.33 -15.65
C PRO B 237 -7.50 -20.50 -15.32
N SER B 238 -7.43 -19.26 -15.80
CA SER B 238 -6.26 -18.44 -15.53
C SER B 238 -6.10 -18.16 -14.04
N GLY B 239 -7.20 -17.84 -13.35
CA GLY B 239 -7.12 -17.51 -11.95
C GLY B 239 -8.04 -18.30 -11.04
N ALA B 240 -9.08 -18.92 -11.62
CA ALA B 240 -10.07 -19.73 -10.91
C ALA B 240 -10.96 -18.91 -9.99
N HIS B 241 -10.75 -17.59 -9.89
CA HIS B 241 -11.58 -16.73 -9.06
C HIS B 241 -11.58 -17.18 -7.60
N ASP B 242 -10.43 -17.65 -7.13
CA ASP B 242 -10.31 -18.02 -5.72
C ASP B 242 -10.49 -16.79 -4.83
N THR B 243 -9.96 -15.65 -5.25
CA THR B 243 -10.07 -14.39 -4.52
C THR B 243 -9.64 -13.29 -5.48
N SER B 244 -9.45 -12.07 -4.95
CA SER B 244 -8.96 -10.99 -5.78
C SER B 244 -7.62 -11.34 -6.41
N ASN B 245 -6.85 -12.22 -5.78
CA ASN B 245 -5.58 -12.66 -6.36
C ASN B 245 -5.80 -13.36 -7.69
N ALA B 246 -6.93 -14.05 -7.86
CA ALA B 246 -7.21 -14.70 -9.14
C ALA B 246 -7.32 -13.68 -10.26
N THR B 247 -8.11 -12.63 -10.04
CA THR B 247 -8.24 -11.58 -11.05
C THR B 247 -6.91 -10.86 -11.25
N LEU B 248 -6.16 -10.66 -10.16
CA LEU B 248 -4.86 -10.00 -10.28
C LEU B 248 -3.92 -10.81 -11.17
N ASN B 249 -3.90 -12.13 -11.00
CA ASN B 249 -3.06 -12.97 -11.84
C ASN B 249 -3.56 -12.98 -13.28
N ASN B 250 -4.88 -13.04 -13.47
CA ASN B 250 -5.43 -12.96 -14.82
C ASN B 250 -4.95 -11.71 -15.53
N MET B 251 -4.99 -10.57 -14.83
CA MET B 251 -4.47 -9.34 -15.38
C MET B 251 -2.98 -9.44 -15.64
N ARG B 252 -2.22 -9.88 -14.64
CA ARG B 252 -0.77 -9.92 -14.78
C ARG B 252 -0.33 -10.77 -15.97
N VAL B 253 -1.16 -11.74 -16.36
CA VAL B 253 -0.81 -12.58 -17.50
C VAL B 253 -1.33 -12.00 -18.81
N TYR B 254 -2.62 -11.67 -18.88
CA TYR B 254 -3.19 -11.19 -20.13
C TYR B 254 -2.61 -9.84 -20.54
N GLY B 255 -2.42 -8.93 -19.59
CA GLY B 255 -1.81 -7.65 -19.90
C GLY B 255 -0.42 -7.80 -20.46
N THR B 256 0.37 -8.72 -19.90
CA THR B 256 1.69 -8.98 -20.45
C THR B 256 1.60 -9.56 -21.85
N ILE B 257 0.67 -10.49 -22.06
CA ILE B 257 0.52 -11.11 -23.38
C ILE B 257 0.16 -10.05 -24.41
N PHE B 258 -0.66 -9.06 -24.02
CA PHE B 258 -1.03 -7.99 -24.93
C PHE B 258 0.09 -6.97 -25.10
N LEU B 259 0.84 -6.70 -24.03
CA LEU B 259 1.91 -5.71 -24.09
C LEU B 259 3.04 -6.19 -24.99
N THR B 260 3.32 -7.49 -24.99
CA THR B 260 4.33 -7.99 -25.92
C THR B 260 3.94 -7.70 -27.36
N PHE B 261 2.68 -7.95 -27.71
CA PHE B 261 2.21 -7.67 -29.06
C PHE B 261 2.24 -6.18 -29.35
N MET B 262 1.84 -5.36 -28.38
CA MET B 262 1.86 -3.91 -28.59
C MET B 262 3.27 -3.40 -28.83
N THR B 263 4.23 -3.86 -28.04
CA THR B 263 5.62 -3.46 -28.23
C THR B 263 6.14 -3.94 -29.58
N LEU B 264 5.81 -5.18 -29.97
CA LEU B 264 6.24 -5.68 -31.26
C LEU B 264 5.71 -4.81 -32.39
N VAL B 265 4.43 -4.44 -32.33
CA VAL B 265 3.86 -3.62 -33.39
C VAL B 265 4.47 -2.23 -33.39
N VAL B 266 4.64 -1.62 -32.22
CA VAL B 266 5.21 -0.28 -32.16
C VAL B 266 6.67 -0.27 -32.59
N PHE B 267 7.37 -1.40 -32.48
CA PHE B 267 8.75 -1.44 -32.92
C PHE B 267 8.88 -1.12 -34.39
N VAL B 268 8.00 -1.69 -35.23
CA VAL B 268 7.99 -1.32 -36.64
C VAL B 268 7.64 0.15 -36.77
N GLY B 269 8.04 0.74 -37.89
CA GLY B 269 7.78 2.14 -38.16
C GLY B 269 6.35 2.54 -37.89
N VAL B 270 6.13 3.81 -37.55
CA VAL B 270 4.78 4.27 -37.22
C VAL B 270 3.82 4.08 -38.38
N LYS B 271 4.33 3.91 -39.59
CA LYS B 271 3.45 3.68 -40.74
C LYS B 271 2.54 2.49 -40.50
N TYR B 272 3.00 1.50 -39.73
CA TYR B 272 2.20 0.35 -39.38
C TYR B 272 1.52 0.49 -38.01
N VAL B 273 1.66 1.64 -37.36
CA VAL B 273 1.05 1.87 -36.06
C VAL B 273 -0.20 2.73 -36.16
N ASN B 274 -0.20 3.70 -37.07
CA ASN B 274 -1.34 4.60 -37.18
C ASN B 274 -2.61 3.89 -37.63
N LYS B 275 -2.50 2.74 -38.29
CA LYS B 275 -3.69 2.04 -38.74
C LYS B 275 -4.51 1.53 -37.56
N PHE B 276 -3.86 0.88 -36.59
CA PHE B 276 -4.56 0.37 -35.43
C PHE B 276 -5.16 1.51 -34.62
N ALA B 277 -4.41 2.59 -34.43
CA ALA B 277 -4.93 3.74 -33.71
C ALA B 277 -6.13 4.36 -34.43
N SER B 278 -6.07 4.43 -35.76
CA SER B 278 -7.19 4.96 -36.51
C SER B 278 -8.43 4.09 -36.33
N LEU B 279 -8.26 2.76 -36.39
CA LEU B 279 -9.41 1.88 -36.18
C LEU B 279 -9.99 2.05 -34.78
N PHE B 280 -9.12 2.14 -33.77
CA PHE B 280 -9.59 2.31 -32.40
C PHE B 280 -10.34 3.63 -32.24
N LEU B 281 -9.82 4.71 -32.82
CA LEU B 281 -10.50 5.99 -32.75
C LEU B 281 -11.84 5.94 -33.46
N ALA B 282 -11.91 5.24 -34.59
CA ALA B 282 -13.19 5.09 -35.29
C ALA B 282 -14.20 4.38 -34.41
N CYS B 283 -13.77 3.30 -33.73
CA CYS B 283 -14.70 2.59 -32.85
C CYS B 283 -15.15 3.48 -31.69
N VAL B 284 -14.23 4.27 -31.13
CA VAL B 284 -14.58 5.15 -30.02
C VAL B 284 -15.59 6.20 -30.48
N ILE B 285 -15.37 6.78 -31.66
CA ILE B 285 -16.30 7.77 -32.20
C ILE B 285 -17.67 7.13 -32.45
N ILE B 286 -17.67 5.88 -32.93
CA ILE B 286 -18.94 5.17 -33.12
C ILE B 286 -19.66 5.02 -31.79
N SER B 287 -18.92 4.65 -30.74
CA SER B 287 -19.55 4.49 -29.43
C SER B 287 -20.12 5.81 -28.92
N ILE B 288 -19.40 6.91 -29.12
CA ILE B 288 -19.88 8.21 -28.68
C ILE B 288 -21.16 8.59 -29.44
N LEU B 289 -21.16 8.39 -30.75
CA LEU B 289 -22.36 8.67 -31.52
C LEU B 289 -23.52 7.82 -31.06
N SER B 290 -23.26 6.54 -30.75
CA SER B 290 -24.32 5.65 -30.28
C SER B 290 -24.88 6.13 -28.95
N ILE B 291 -24.02 6.56 -28.04
CA ILE B 291 -24.50 7.03 -26.74
C ILE B 291 -25.35 8.30 -26.90
N TYR B 292 -24.91 9.22 -27.76
CA TYR B 292 -25.71 10.41 -28.00
C TYR B 292 -27.06 10.07 -28.63
N ALA B 293 -27.07 9.14 -29.59
CA ALA B 293 -28.32 8.72 -30.20
C ALA B 293 -29.24 8.08 -29.18
N GLY B 294 -28.69 7.25 -28.29
CA GLY B 294 -29.49 6.68 -27.24
C GLY B 294 -30.06 7.74 -26.32
N GLY B 295 -29.27 8.77 -26.00
CA GLY B 295 -29.78 9.86 -25.19
C GLY B 295 -30.95 10.57 -25.84
N ILE B 296 -30.81 10.89 -27.13
CA ILE B 296 -31.90 11.58 -27.82
C ILE B 296 -33.14 10.68 -27.90
N LYS B 297 -32.93 9.39 -28.16
CA LYS B 297 -34.07 8.47 -28.20
C LYS B 297 -34.78 8.41 -26.85
N SER B 298 -34.00 8.34 -25.76
CA SER B 298 -34.60 8.35 -24.43
C SER B 298 -35.39 9.64 -24.21
N ILE B 299 -34.86 10.76 -24.69
CA ILE B 299 -35.61 12.01 -24.66
C ILE B 299 -36.95 11.84 -25.37
N PHE B 300 -36.93 11.16 -26.52
CA PHE B 300 -38.14 10.90 -27.29
C PHE B 300 -38.85 9.62 -26.89
N ASP B 301 -38.13 8.66 -26.30
CA ASP B 301 -38.71 7.38 -25.90
C ASP B 301 -37.90 6.76 -24.77
N PRO B 302 -38.29 6.96 -23.52
CA PRO B 302 -37.49 6.46 -22.39
C PRO B 302 -37.40 4.95 -22.41
N PRO B 303 -36.27 4.39 -22.01
CA PRO B 303 -36.12 2.93 -21.93
C PRO B 303 -36.67 2.43 -20.61
N VAL B 304 -36.50 1.12 -20.39
CA VAL B 304 -36.94 0.45 -19.17
C VAL B 304 -35.72 0.09 -18.35
N PHE B 305 -35.73 0.48 -17.08
CA PHE B 305 -34.58 0.26 -16.21
C PHE B 305 -35.02 0.38 -14.75
N PRO B 306 -35.84 -0.55 -14.26
CA PRO B 306 -36.36 -0.42 -12.89
C PRO B 306 -35.24 -0.42 -11.86
N VAL B 307 -35.43 0.39 -10.82
CA VAL B 307 -34.51 0.48 -9.69
C VAL B 307 -35.32 0.32 -8.41
N CYS B 308 -34.79 -0.47 -7.48
CA CYS B 308 -35.49 -0.81 -6.25
C CYS B 308 -35.16 0.21 -5.17
N MET B 309 -36.19 0.85 -4.62
CA MET B 309 -36.03 1.84 -3.56
C MET B 309 -36.99 1.54 -2.42
N LEU B 310 -36.45 1.43 -1.21
CA LEU B 310 -37.25 1.24 -0.01
C LEU B 310 -37.28 2.53 0.79
N GLY B 311 -38.47 2.94 1.23
CA GLY B 311 -38.60 4.25 1.82
C GLY B 311 -38.16 5.28 0.81
N ASN B 312 -37.18 6.11 1.19
CA ASN B 312 -36.53 7.01 0.25
C ASN B 312 -35.08 6.61 -0.04
N ARG B 313 -34.69 5.40 0.34
CA ARG B 313 -33.35 4.89 0.09
C ARG B 313 -33.36 3.95 -1.11
N THR B 314 -32.19 3.41 -1.44
CA THR B 314 -32.03 2.48 -2.55
C THR B 314 -31.27 1.26 -2.10
N LEU B 315 -31.69 0.10 -2.59
CA LEU B 315 -31.12 -1.18 -2.19
C LEU B 315 -30.76 -1.99 -3.44
N SER B 316 -29.62 -2.67 -3.37
CA SER B 316 -29.17 -3.47 -4.51
C SER B 316 -30.17 -4.58 -4.81
N ARG B 317 -30.56 -4.68 -6.08
CA ARG B 317 -31.52 -5.71 -6.52
C ARG B 317 -30.81 -6.96 -7.00
N ASP B 318 -29.90 -7.49 -6.16
CA ASP B 318 -29.14 -8.67 -6.49
C ASP B 318 -29.48 -9.87 -5.61
N GLN B 319 -30.17 -9.67 -4.50
CA GLN B 319 -30.53 -10.78 -3.61
C GLN B 319 -31.92 -11.33 -3.91
N PHE B 320 -32.93 -10.47 -3.92
CA PHE B 320 -34.30 -10.88 -4.12
C PHE B 320 -34.66 -10.87 -5.61
N ASP B 321 -35.53 -11.80 -5.99
CA ASP B 321 -35.97 -11.88 -7.38
C ASP B 321 -37.00 -10.81 -7.72
N ILE B 322 -37.83 -10.42 -6.75
CA ILE B 322 -38.88 -9.44 -6.97
C ILE B 322 -38.75 -8.34 -5.93
N CYS B 323 -39.26 -7.16 -6.27
CA CYS B 323 -39.20 -5.99 -5.40
C CYS B 323 -40.60 -5.68 -4.89
N ALA B 324 -40.96 -6.31 -3.78
CA ALA B 324 -42.27 -6.09 -3.16
C ALA B 324 -42.29 -6.66 -1.74
N LYS B 325 -42.77 -5.87 -0.79
CA LYS B 325 -42.81 -6.34 0.59
C LYS B 325 -43.67 -7.59 0.73
N THR B 326 -44.81 -7.64 0.03
CA THR B 326 -45.68 -8.80 0.07
C THR B 326 -46.17 -9.09 -1.35
N ALA B 327 -46.51 -10.36 -1.58
CA ALA B 327 -47.06 -10.80 -2.84
C ALA B 327 -48.02 -11.96 -2.58
N VAL B 328 -48.88 -12.22 -3.56
CA VAL B 328 -49.91 -13.25 -3.44
C VAL B 328 -49.63 -14.30 -4.50
N VAL B 329 -49.46 -15.55 -4.07
CA VAL B 329 -49.34 -16.71 -4.96
C VAL B 329 -50.32 -17.76 -4.47
N ASP B 330 -51.11 -18.31 -5.40
CA ASP B 330 -52.12 -19.31 -5.06
C ASP B 330 -53.07 -18.78 -3.99
N ASN B 331 -53.46 -17.51 -4.12
CA ASN B 331 -54.38 -16.88 -3.18
C ASN B 331 -53.84 -16.93 -1.75
N GLU B 332 -52.54 -16.67 -1.60
CA GLU B 332 -51.91 -16.68 -0.29
C GLU B 332 -50.70 -15.75 -0.31
N THR B 333 -50.29 -15.33 0.88
CA THR B 333 -49.10 -14.51 1.01
C THR B 333 -47.87 -15.31 0.61
N VAL B 334 -46.88 -14.60 0.06
CA VAL B 334 -45.68 -15.22 -0.46
C VAL B 334 -44.52 -14.95 0.51
N ALA B 335 -43.39 -15.63 0.25
CA ALA B 335 -42.22 -15.46 1.09
C ALA B 335 -41.68 -14.04 1.02
N THR B 336 -41.67 -13.45 -0.18
CA THR B 336 -41.14 -12.10 -0.39
C THR B 336 -39.66 -12.05 -0.01
N GLN B 337 -38.85 -12.71 -0.84
CA GLN B 337 -37.41 -12.83 -0.64
C GLN B 337 -36.81 -11.53 -0.09
N LEU B 338 -37.20 -10.40 -0.65
CA LEU B 338 -36.77 -9.12 -0.08
C LEU B 338 -37.15 -9.05 1.39
N TRP B 339 -38.37 -9.45 1.72
CA TRP B 339 -38.78 -9.49 3.12
C TRP B 339 -37.97 -10.52 3.90
N SER B 340 -37.56 -11.60 3.25
CA SER B 340 -36.71 -12.58 3.92
C SER B 340 -35.41 -11.93 4.39
N PHE B 341 -34.79 -11.13 3.52
CA PHE B 341 -33.61 -10.37 3.92
C PHE B 341 -34.04 -9.23 4.84
N PHE B 342 -33.31 -9.05 5.93
CA PHE B 342 -33.59 -8.06 6.98
C PHE B 342 -34.82 -8.42 7.79
N CYS B 343 -35.53 -9.48 7.45
CA CYS B 343 -36.69 -9.93 8.22
C CYS B 343 -36.72 -11.45 8.13
N HIS B 344 -36.33 -12.12 9.22
CA HIS B 344 -36.21 -13.56 9.25
C HIS B 344 -37.50 -14.27 9.65
N SER B 345 -38.57 -13.53 9.93
CA SER B 345 -39.85 -14.15 10.26
C SER B 345 -40.60 -14.44 8.97
N PRO B 346 -40.83 -15.71 8.62
CA PRO B 346 -41.51 -16.03 7.36
C PRO B 346 -43.03 -15.95 7.42
N ASN B 347 -43.59 -15.36 8.47
CA ASN B 347 -45.03 -15.21 8.60
C ASN B 347 -45.42 -13.74 8.53
N LEU B 348 -46.47 -13.45 7.77
CA LEU B 348 -46.89 -12.06 7.58
C LEU B 348 -47.26 -11.41 8.90
N THR B 349 -47.94 -12.14 9.78
CA THR B 349 -48.39 -11.60 11.06
C THR B 349 -47.24 -11.67 12.08
N THR B 350 -46.24 -10.84 11.83
CA THR B 350 -45.10 -10.74 12.74
C THR B 350 -44.36 -9.44 12.47
N ASP B 351 -43.95 -8.77 13.55
CA ASP B 351 -43.17 -7.54 13.47
C ASP B 351 -41.83 -7.67 14.19
N SER B 352 -41.26 -8.88 14.15
CA SER B 352 -40.02 -9.12 14.89
C SER B 352 -38.86 -8.32 14.33
N CYS B 353 -38.78 -8.18 13.01
CA CYS B 353 -37.60 -7.63 12.37
C CYS B 353 -37.57 -6.11 12.53
N ASP B 354 -36.63 -5.48 11.83
CA ASP B 354 -36.35 -4.06 12.05
C ASP B 354 -37.58 -3.22 11.72
N PRO B 355 -37.82 -2.12 12.46
CA PRO B 355 -38.99 -1.29 12.18
C PRO B 355 -38.94 -0.60 10.83
N TYR B 356 -37.77 -0.51 10.19
CA TYR B 356 -37.68 0.21 8.92
C TYR B 356 -38.59 -0.42 7.87
N PHE B 357 -38.58 -1.74 7.76
CA PHE B 357 -39.40 -2.41 6.76
C PHE B 357 -40.89 -2.12 6.99
N MET B 358 -41.36 -2.33 8.21
CA MET B 358 -42.79 -2.18 8.49
C MET B 358 -43.23 -0.73 8.36
N LEU B 359 -42.52 0.18 9.02
CA LEU B 359 -42.91 1.59 8.99
C LEU B 359 -42.80 2.16 7.58
N ASN B 360 -41.58 2.18 7.03
CA ASN B 360 -41.38 2.68 5.68
C ASN B 360 -42.05 1.75 4.67
N ASN B 361 -42.13 2.22 3.43
CA ASN B 361 -42.73 1.46 2.34
C ASN B 361 -41.73 1.30 1.21
N VAL B 362 -41.83 0.19 0.50
CA VAL B 362 -40.94 -0.14 -0.61
C VAL B 362 -41.68 0.08 -1.92
N THR B 363 -40.96 0.58 -2.93
CA THR B 363 -41.56 0.87 -4.22
C THR B 363 -40.48 0.80 -5.29
N GLU B 364 -40.93 0.73 -6.54
CA GLU B 364 -40.05 0.67 -7.70
C GLU B 364 -40.26 1.92 -8.56
N ILE B 365 -39.17 2.52 -9.00
CA ILE B 365 -39.22 3.74 -9.80
C ILE B 365 -38.31 3.60 -11.01
N PRO B 366 -38.65 4.20 -12.14
CA PRO B 366 -37.75 4.17 -13.30
C PRO B 366 -36.43 4.84 -12.97
N GLY B 367 -35.34 4.29 -13.50
CA GLY B 367 -34.03 4.86 -13.29
C GLY B 367 -33.55 5.68 -14.47
N ILE B 368 -34.23 5.56 -15.59
CA ILE B 368 -33.88 6.29 -16.81
C ILE B 368 -35.13 6.94 -17.36
N PRO B 369 -35.62 8.01 -16.72
CA PRO B 369 -36.87 8.62 -17.18
C PRO B 369 -36.70 9.40 -18.48
N GLY B 370 -35.53 9.31 -19.08
CA GLY B 370 -35.25 10.02 -20.31
C GLY B 370 -34.84 11.46 -20.06
N ALA B 371 -34.76 12.20 -21.15
CA ALA B 371 -34.36 13.62 -21.11
C ALA B 371 -35.61 14.46 -20.92
N ALA B 372 -35.72 15.10 -19.75
CA ALA B 372 -36.83 15.97 -19.45
C ALA B 372 -36.34 17.11 -18.57
N ALA B 373 -37.08 18.22 -18.60
CA ALA B 373 -36.69 19.40 -17.84
C ALA B 373 -36.69 19.12 -16.34
N GLY B 374 -37.68 18.37 -15.87
CA GLY B 374 -37.80 18.16 -14.44
C GLY B 374 -36.60 17.44 -13.85
N VAL B 375 -36.17 16.36 -14.50
CA VAL B 375 -35.05 15.58 -13.97
C VAL B 375 -33.79 16.43 -13.94
N LEU B 376 -33.50 17.14 -15.03
CA LEU B 376 -32.30 17.96 -15.08
C LEU B 376 -32.34 19.06 -14.03
N GLN B 377 -33.50 19.71 -13.87
CA GLN B 377 -33.60 20.79 -12.90
C GLN B 377 -33.43 20.25 -11.48
N GLU B 378 -34.02 19.09 -11.18
CA GLU B 378 -33.88 18.52 -9.85
C GLU B 378 -32.45 18.04 -9.60
N ASN B 379 -31.73 17.69 -10.66
CA ASN B 379 -30.38 17.17 -10.54
C ASN B 379 -29.31 18.26 -10.61
N LEU B 380 -29.72 19.53 -10.66
CA LEU B 380 -28.76 20.62 -10.79
C LEU B 380 -27.76 20.61 -9.62
N TRP B 381 -28.26 20.83 -8.41
CA TRP B 381 -27.38 20.97 -7.26
C TRP B 381 -26.64 19.65 -6.98
N SER B 382 -25.60 19.75 -6.18
CA SER B 382 -24.75 18.62 -5.84
C SER B 382 -25.18 17.98 -4.53
N ALA B 383 -24.63 16.81 -4.25
CA ALA B 383 -24.91 16.09 -3.01
C ALA B 383 -23.67 15.25 -2.68
N TYR B 384 -22.84 15.77 -1.79
CA TYR B 384 -21.63 15.06 -1.37
C TYR B 384 -21.91 14.25 -0.13
N LEU B 385 -21.50 12.98 -0.14
CA LEU B 385 -21.72 12.06 0.96
C LEU B 385 -20.39 11.50 1.44
N GLU B 386 -20.24 11.41 2.76
CA GLU B 386 -19.05 10.84 3.34
C GLU B 386 -19.09 9.31 3.24
N LYS B 387 -17.94 8.69 3.49
CA LYS B 387 -17.85 7.24 3.40
C LYS B 387 -18.82 6.58 4.37
N GLY B 388 -19.47 5.52 3.90
CA GLY B 388 -20.43 4.79 4.70
C GLY B 388 -21.86 5.29 4.62
N ASP B 389 -22.10 6.42 3.94
CA ASP B 389 -23.44 6.94 3.83
C ASP B 389 -24.26 6.10 2.87
N ILE B 390 -25.57 6.32 2.89
CA ILE B 390 -26.52 5.59 2.05
C ILE B 390 -27.16 6.57 1.08
N VAL B 391 -27.09 6.26 -0.21
CA VAL B 391 -27.64 7.13 -1.25
C VAL B 391 -29.15 7.02 -1.24
N GLU B 392 -29.83 8.16 -1.15
CA GLU B 392 -31.29 8.19 -1.08
C GLU B 392 -31.80 9.38 -1.88
N LYS B 393 -32.91 9.16 -2.58
CA LYS B 393 -33.57 10.26 -3.29
C LYS B 393 -34.24 11.21 -2.31
N HIS B 394 -34.43 12.44 -2.75
CA HIS B 394 -35.00 13.48 -1.89
C HIS B 394 -36.48 13.75 -2.15
N GLY B 395 -36.95 13.56 -3.38
CA GLY B 395 -38.32 13.95 -3.68
C GLY B 395 -39.36 13.14 -2.93
N LEU B 396 -39.20 11.82 -2.90
CA LEU B 396 -40.22 10.95 -2.35
C LEU B 396 -40.15 10.90 -0.83
N PRO B 397 -41.24 10.54 -0.18
CA PRO B 397 -41.28 10.54 1.29
C PRO B 397 -40.60 9.32 1.88
N SER B 398 -40.32 9.41 3.19
CA SER B 398 -39.68 8.32 3.91
C SER B 398 -39.85 8.55 5.40
N ALA B 399 -40.45 7.58 6.09
CA ALA B 399 -40.59 7.67 7.53
C ALA B 399 -39.25 7.45 8.22
N ASP B 400 -39.15 7.97 9.44
CA ASP B 400 -37.93 7.87 10.23
C ASP B 400 -38.11 6.86 11.35
N ALA B 401 -37.17 5.92 11.46
CA ALA B 401 -37.20 4.90 12.49
C ALA B 401 -35.80 4.34 12.66
N PRO B 402 -35.51 3.71 13.79
CA PRO B 402 -34.18 3.14 14.00
C PRO B 402 -33.84 2.10 12.95
N SER B 403 -32.57 2.05 12.57
CA SER B 403 -32.08 1.14 11.55
C SER B 403 -31.26 0.04 12.21
N LEU B 404 -31.60 -1.21 11.91
CA LEU B 404 -30.84 -2.34 12.44
C LEU B 404 -29.46 -2.40 11.80
N LYS B 405 -28.47 -2.85 12.58
CA LYS B 405 -27.12 -2.94 12.08
C LYS B 405 -27.01 -3.87 10.88
N GLU B 406 -27.67 -5.03 10.95
CA GLU B 406 -27.61 -5.99 9.85
C GLU B 406 -28.25 -5.46 8.59
N SER B 407 -29.20 -4.52 8.69
CA SER B 407 -29.86 -3.99 7.51
C SER B 407 -28.96 -3.10 6.69
N LEU B 408 -27.86 -2.62 7.26
CA LEU B 408 -26.98 -1.69 6.53
C LEU B 408 -26.44 -2.30 5.24
N PRO B 409 -25.90 -3.51 5.22
CA PRO B 409 -25.34 -4.05 3.97
C PRO B 409 -26.34 -4.12 2.84
N LEU B 410 -27.63 -4.35 3.13
CA LEU B 410 -28.65 -4.43 2.10
C LEU B 410 -29.09 -3.04 1.66
N TYR B 411 -28.14 -2.22 1.23
CA TYR B 411 -28.43 -0.85 0.79
C TYR B 411 -27.41 -0.48 -0.28
N VAL B 412 -27.34 0.82 -0.58
CA VAL B 412 -26.33 1.38 -1.47
C VAL B 412 -25.52 2.37 -0.64
N VAL B 413 -24.22 2.12 -0.54
CA VAL B 413 -23.33 2.90 0.31
C VAL B 413 -22.23 3.51 -0.54
N ALA B 414 -21.89 4.76 -0.25
CA ALA B 414 -20.82 5.43 -0.97
C ALA B 414 -19.48 4.75 -0.70
N ASP B 415 -18.63 4.71 -1.73
CA ASP B 415 -17.35 4.02 -1.61
C ASP B 415 -16.32 4.92 -0.94
N ILE B 416 -16.19 6.17 -1.41
CA ILE B 416 -15.19 7.11 -0.89
C ILE B 416 -15.87 8.45 -0.63
N ALA B 417 -15.19 9.26 0.17
CA ALA B 417 -15.70 10.60 0.46
C ALA B 417 -15.75 11.43 -0.82
N THR B 418 -16.74 12.31 -0.91
CA THR B 418 -16.97 13.13 -2.09
C THR B 418 -16.78 14.60 -1.76
N SER B 419 -15.95 15.28 -2.54
CA SER B 419 -15.71 16.71 -2.38
C SER B 419 -15.17 17.25 -3.69
N PHE B 420 -15.19 18.58 -3.81
CA PHE B 420 -14.75 19.20 -5.06
C PHE B 420 -13.28 18.89 -5.33
N THR B 421 -12.43 19.00 -4.32
CA THR B 421 -11.00 18.81 -4.53
C THR B 421 -10.69 17.36 -4.93
N VAL B 422 -11.27 16.40 -4.21
CA VAL B 422 -11.02 15.00 -4.53
C VAL B 422 -11.58 14.67 -5.93
N LEU B 423 -12.74 15.21 -6.25
CA LEU B 423 -13.32 14.96 -7.57
C LEU B 423 -12.43 15.53 -8.66
N VAL B 424 -11.90 16.74 -8.47
CA VAL B 424 -11.02 17.32 -9.47
C VAL B 424 -9.75 16.48 -9.62
N GLY B 425 -9.18 16.05 -8.50
CA GLY B 425 -8.00 15.21 -8.56
C GLY B 425 -8.26 13.92 -9.32
N ILE B 426 -9.43 13.31 -9.09
CA ILE B 426 -9.75 12.07 -9.78
C ILE B 426 -9.96 12.30 -11.27
N PHE B 427 -10.63 13.39 -11.62
CA PHE B 427 -11.00 13.62 -13.01
C PHE B 427 -9.82 14.10 -13.86
N PHE B 428 -8.90 14.86 -13.29
CA PHE B 428 -7.85 15.50 -14.08
C PHE B 428 -7.11 14.54 -15.01
N PRO B 429 -6.68 13.36 -14.56
CA PRO B 429 -5.89 12.49 -15.44
C PRO B 429 -6.59 12.16 -16.73
N SER B 430 -7.93 12.15 -16.74
CA SER B 430 -8.67 11.85 -17.96
C SER B 430 -8.47 12.93 -19.03
N VAL B 431 -7.95 14.09 -18.66
CA VAL B 431 -7.77 15.19 -19.61
C VAL B 431 -6.33 15.35 -20.04
N THR B 432 -5.45 14.43 -19.68
CA THR B 432 -4.04 14.53 -20.03
C THR B 432 -3.76 13.81 -21.34
N GLY B 433 -2.51 13.85 -21.78
CA GLY B 433 -2.09 13.18 -22.99
C GLY B 433 -2.03 14.04 -24.23
N ILE B 434 -2.13 15.36 -24.10
CA ILE B 434 -2.10 16.24 -25.26
C ILE B 434 -0.76 16.27 -25.96
N MET B 435 0.24 15.58 -25.43
CA MET B 435 1.59 15.60 -25.98
C MET B 435 1.84 14.50 -27.00
N ALA B 436 0.82 13.70 -27.33
CA ALA B 436 1.00 12.62 -28.30
C ALA B 436 1.54 13.16 -29.61
N GLY B 437 0.92 14.22 -30.14
CA GLY B 437 1.39 14.83 -31.36
C GLY B 437 2.54 15.79 -31.18
N SER B 438 2.91 16.11 -29.94
CA SER B 438 4.01 17.03 -29.67
C SER B 438 5.34 16.30 -29.60
N ASN B 439 5.43 15.27 -28.76
CA ASN B 439 6.68 14.52 -28.67
C ASN B 439 7.01 13.82 -29.99
N ARG B 440 6.00 13.24 -30.63
CA ARG B 440 6.18 12.59 -31.92
C ARG B 440 6.43 13.66 -32.98
N SER B 441 7.69 13.78 -33.41
CA SER B 441 8.06 14.78 -34.40
C SER B 441 8.91 14.24 -35.53
N GLY B 442 9.24 12.95 -35.53
CA GLY B 442 10.02 12.39 -36.63
C GLY B 442 9.33 12.56 -37.97
N ASP B 443 8.04 12.31 -38.02
CA ASP B 443 7.24 12.55 -39.21
C ASP B 443 6.67 13.96 -39.15
N LEU B 444 5.61 14.22 -39.93
CA LEU B 444 4.93 15.50 -39.94
C LEU B 444 5.89 16.64 -40.31
N ARG B 445 6.39 16.54 -41.54
CA ARG B 445 7.30 17.56 -42.05
C ARG B 445 6.67 18.94 -41.95
N ASP B 446 7.47 19.92 -41.56
CA ASP B 446 6.99 21.27 -41.28
C ASP B 446 6.04 21.25 -40.08
N ALA B 447 6.56 20.72 -38.98
CA ALA B 447 5.76 20.59 -37.76
C ALA B 447 5.25 21.94 -37.25
N GLN B 448 5.92 23.04 -37.62
CA GLN B 448 5.53 24.35 -37.12
C GLN B 448 4.08 24.66 -37.48
N LYS B 449 3.66 24.32 -38.70
CA LYS B 449 2.31 24.59 -39.16
C LYS B 449 1.33 23.47 -38.84
N SER B 450 1.77 22.44 -38.13
CA SER B 450 0.93 21.27 -37.86
C SER B 450 0.64 21.06 -36.39
N ILE B 451 1.67 21.09 -35.53
CA ILE B 451 1.48 20.75 -34.13
C ILE B 451 0.46 21.66 -33.45
N PRO B 452 0.55 22.99 -33.56
CA PRO B 452 -0.35 23.85 -32.78
C PRO B 452 -1.80 23.71 -33.19
N VAL B 453 -2.07 23.78 -34.50
CA VAL B 453 -3.45 23.72 -34.98
C VAL B 453 -4.07 22.39 -34.59
N GLY B 454 -3.35 21.29 -34.80
CA GLY B 454 -3.88 19.98 -34.45
C GLY B 454 -4.16 19.84 -32.97
N THR B 455 -3.21 20.26 -32.14
CA THR B 455 -3.39 20.15 -30.70
C THR B 455 -4.61 20.95 -30.25
N ILE B 456 -4.72 22.20 -30.73
CA ILE B 456 -5.84 23.04 -30.32
C ILE B 456 -7.16 22.45 -30.78
N LEU B 457 -7.22 21.98 -32.02
CA LEU B 457 -8.47 21.42 -32.53
C LEU B 457 -8.89 20.20 -31.72
N ALA B 458 -7.96 19.28 -31.47
CA ALA B 458 -8.30 18.09 -30.72
C ALA B 458 -8.73 18.43 -29.30
N ILE B 459 -8.02 19.34 -28.65
CA ILE B 459 -8.35 19.70 -27.27
C ILE B 459 -9.72 20.34 -27.20
N ILE B 460 -10.03 21.24 -28.14
CA ILE B 460 -11.32 21.93 -28.11
C ILE B 460 -12.45 20.93 -28.38
N THR B 461 -12.26 20.02 -29.34
CA THR B 461 -13.30 19.04 -29.63
C THR B 461 -13.55 18.14 -28.42
N THR B 462 -12.46 17.71 -27.75
CA THR B 462 -12.63 16.88 -26.57
C THR B 462 -13.38 17.64 -25.46
N SER B 463 -13.03 18.90 -25.25
CA SER B 463 -13.72 19.67 -24.22
C SER B 463 -15.20 19.82 -24.53
N LEU B 464 -15.53 20.11 -25.79
CA LEU B 464 -16.93 20.25 -26.17
C LEU B 464 -17.69 18.95 -25.97
N VAL B 465 -17.09 17.83 -26.37
CA VAL B 465 -17.77 16.54 -26.20
C VAL B 465 -17.97 16.25 -24.71
N TYR B 466 -16.97 16.55 -23.88
CA TYR B 466 -17.10 16.33 -22.46
C TYR B 466 -18.25 17.15 -21.87
N PHE B 467 -18.32 18.43 -22.23
CA PHE B 467 -19.37 19.28 -21.70
C PHE B 467 -20.75 18.76 -22.12
N SER B 468 -20.92 18.46 -23.40
CA SER B 468 -22.20 17.98 -23.88
C SER B 468 -22.59 16.68 -23.20
N SER B 469 -21.64 15.76 -23.06
CA SER B 469 -21.93 14.48 -22.42
C SER B 469 -22.35 14.66 -20.97
N VAL B 470 -21.65 15.53 -20.23
CA VAL B 470 -22.00 15.74 -18.83
C VAL B 470 -23.39 16.33 -18.72
N VAL B 471 -23.71 17.32 -19.57
CA VAL B 471 -25.04 17.92 -19.50
C VAL B 471 -26.12 16.91 -19.83
N LEU B 472 -25.90 16.10 -20.86
CA LEU B 472 -26.91 15.09 -21.22
C LEU B 472 -27.09 14.07 -20.11
N PHE B 473 -25.98 13.63 -19.51
CA PHE B 473 -26.09 12.68 -18.40
C PHE B 473 -26.88 13.28 -17.25
N GLY B 474 -26.60 14.54 -16.91
CA GLY B 474 -27.35 15.18 -15.85
C GLY B 474 -28.83 15.28 -16.16
N ALA B 475 -29.17 15.57 -17.42
CA ALA B 475 -30.55 15.81 -17.80
C ALA B 475 -31.31 14.56 -18.22
N CYS B 476 -30.66 13.39 -18.26
CA CYS B 476 -31.31 12.19 -18.77
C CYS B 476 -31.54 11.12 -17.70
N ILE B 477 -30.50 10.69 -17.00
CA ILE B 477 -30.59 9.57 -16.08
C ILE B 477 -31.07 10.06 -14.73
N GLU B 478 -31.74 9.17 -13.99
CA GLU B 478 -32.25 9.51 -12.67
C GLU B 478 -31.09 9.77 -11.71
N GLY B 479 -31.25 10.81 -10.88
CA GLY B 479 -30.16 11.23 -10.03
C GLY B 479 -29.64 10.13 -9.12
N VAL B 480 -30.55 9.34 -8.54
CA VAL B 480 -30.15 8.34 -7.57
C VAL B 480 -29.20 7.32 -8.21
N VAL B 481 -29.52 6.88 -9.42
CA VAL B 481 -28.69 5.87 -10.08
C VAL B 481 -27.30 6.42 -10.36
N LEU B 482 -27.20 7.71 -10.68
CA LEU B 482 -25.93 8.27 -11.14
C LEU B 482 -24.83 8.05 -10.12
N ARG B 483 -25.10 8.34 -8.84
CA ARG B 483 -24.09 8.15 -7.81
C ARG B 483 -24.01 6.72 -7.31
N ASP B 484 -24.72 5.79 -7.94
CA ASP B 484 -24.66 4.37 -7.59
C ASP B 484 -23.48 3.74 -8.34
N LYS B 485 -22.28 4.05 -7.85
CA LYS B 485 -21.07 3.53 -8.47
C LYS B 485 -21.00 2.02 -8.34
N TYR B 486 -20.31 1.39 -9.29
CA TYR B 486 -20.11 -0.04 -9.41
C TYR B 486 -21.35 -0.75 -9.93
N GLY B 487 -22.47 -0.05 -10.12
CA GLY B 487 -23.68 -0.68 -10.62
C GLY B 487 -24.39 -1.59 -9.65
N ASP B 488 -23.93 -1.67 -8.40
CA ASP B 488 -24.57 -2.56 -7.44
C ASP B 488 -26.05 -2.22 -7.27
N GLY B 489 -26.43 -0.97 -7.52
CA GLY B 489 -27.83 -0.60 -7.41
C GLY B 489 -28.71 -1.40 -8.36
N VAL B 490 -28.24 -1.61 -9.59
CA VAL B 490 -29.00 -2.31 -10.62
C VAL B 490 -28.10 -3.41 -11.19
N SER B 491 -28.15 -4.59 -10.60
CA SER B 491 -27.54 -5.81 -11.15
C SER B 491 -26.10 -5.58 -11.61
N ARG B 492 -25.43 -4.56 -11.09
CA ARG B 492 -24.02 -4.32 -11.40
C ARG B 492 -23.77 -4.05 -12.88
N ASN B 493 -24.84 -3.94 -13.67
CA ASN B 493 -24.66 -3.69 -15.09
C ASN B 493 -24.43 -2.20 -15.34
N LEU B 494 -23.78 -1.91 -16.47
CA LEU B 494 -23.37 -0.54 -16.79
C LEU B 494 -24.59 0.30 -17.11
N VAL B 495 -24.84 1.33 -16.28
CA VAL B 495 -25.98 2.21 -16.50
C VAL B 495 -25.83 2.95 -17.82
N VAL B 496 -24.66 3.54 -18.04
CA VAL B 496 -24.43 4.30 -19.28
C VAL B 496 -24.60 3.40 -20.50
N GLY B 497 -24.32 2.11 -20.35
CA GLY B 497 -24.51 1.19 -21.46
C GLY B 497 -25.95 1.14 -21.93
N THR B 498 -26.89 1.14 -20.99
CA THR B 498 -28.31 1.12 -21.36
C THR B 498 -28.71 2.38 -22.12
N LEU B 499 -27.98 3.47 -21.95
CA LEU B 499 -28.27 4.68 -22.73
C LEU B 499 -27.93 4.49 -24.21
N ALA B 500 -26.98 3.60 -24.51
CA ALA B 500 -26.59 3.39 -25.90
C ALA B 500 -27.79 2.93 -26.72
N TRP B 501 -27.87 3.42 -27.96
CA TRP B 501 -29.00 3.09 -28.82
C TRP B 501 -29.09 1.60 -29.10
N PRO B 502 -28.11 0.96 -29.75
CA PRO B 502 -28.25 -0.46 -30.07
C PRO B 502 -28.26 -1.36 -28.85
N SER B 503 -27.22 -1.26 -28.03
CA SER B 503 -27.11 -2.10 -26.84
C SER B 503 -25.87 -1.75 -26.04
N PRO B 504 -25.75 -2.23 -24.80
CA PRO B 504 -24.54 -1.93 -24.01
C PRO B 504 -23.26 -2.49 -24.60
N TRP B 505 -23.35 -3.48 -25.50
CA TRP B 505 -22.14 -4.05 -26.08
C TRP B 505 -21.36 -3.00 -26.85
N VAL B 506 -22.06 -2.11 -27.56
CA VAL B 506 -21.36 -1.08 -28.32
C VAL B 506 -20.52 -0.20 -27.39
N ILE B 507 -21.12 0.22 -26.27
CA ILE B 507 -20.40 1.11 -25.37
C ILE B 507 -19.26 0.37 -24.68
N VAL B 508 -19.47 -0.89 -24.30
CA VAL B 508 -18.42 -1.64 -23.63
C VAL B 508 -17.22 -1.82 -24.56
N ILE B 509 -17.49 -2.23 -25.81
CA ILE B 509 -16.39 -2.42 -26.77
C ILE B 509 -15.73 -1.08 -27.07
N GLY B 510 -16.51 -0.01 -27.13
CA GLY B 510 -15.92 1.31 -27.36
C GLY B 510 -14.95 1.69 -26.26
N SER B 511 -15.36 1.49 -25.00
CA SER B 511 -14.47 1.79 -23.89
C SER B 511 -13.21 0.93 -23.94
N PHE B 512 -13.36 -0.36 -24.22
CA PHE B 512 -12.20 -1.24 -24.28
C PHE B 512 -11.23 -0.78 -25.36
N PHE B 513 -11.74 -0.49 -26.55
CA PHE B 513 -10.88 -0.05 -27.65
C PHE B 513 -10.25 1.30 -27.33
N SER B 514 -11.00 2.20 -26.69
CA SER B 514 -10.44 3.50 -26.35
C SER B 514 -9.26 3.35 -25.40
N THR B 515 -9.42 2.56 -24.34
CA THR B 515 -8.32 2.37 -23.41
C THR B 515 -7.12 1.70 -24.09
N CYS B 516 -7.38 0.67 -24.90
CA CYS B 516 -6.28 -0.01 -25.59
C CYS B 516 -5.54 0.95 -26.51
N GLY B 517 -6.28 1.75 -27.27
CA GLY B 517 -5.63 2.68 -28.19
C GLY B 517 -4.86 3.77 -27.48
N ALA B 518 -5.40 4.27 -26.37
CA ALA B 518 -4.66 5.27 -25.59
C ALA B 518 -3.35 4.69 -25.08
N GLY B 519 -3.41 3.46 -24.54
CA GLY B 519 -2.18 2.80 -24.11
C GLY B 519 -1.18 2.66 -25.24
N LEU B 520 -1.67 2.22 -26.41
CA LEU B 520 -0.77 2.04 -27.55
C LEU B 520 -0.15 3.36 -27.98
N GLN B 521 -0.93 4.44 -27.99
CA GLN B 521 -0.41 5.74 -28.39
C GLN B 521 0.65 6.23 -27.41
N SER B 522 0.40 6.08 -26.11
CA SER B 522 1.41 6.46 -25.12
C SER B 522 2.68 5.64 -25.28
N LEU B 523 2.53 4.33 -25.51
CA LEU B 523 3.70 3.48 -25.69
C LEU B 523 4.49 3.89 -26.92
N THR B 524 3.81 4.25 -28.00
CA THR B 524 4.51 4.72 -29.20
C THR B 524 5.21 6.05 -28.92
N GLY B 525 4.57 6.94 -28.17
CA GLY B 525 5.16 8.24 -27.92
C GLY B 525 6.41 8.18 -27.06
N ALA B 526 6.40 7.34 -26.03
CA ALA B 526 7.50 7.35 -25.07
C ALA B 526 8.87 7.15 -25.71
N PRO B 527 9.08 6.18 -26.60
CA PRO B 527 10.43 5.96 -27.14
C PRO B 527 10.98 7.15 -27.88
N ARG B 528 10.14 7.94 -28.55
CA ARG B 528 10.63 9.13 -29.24
C ARG B 528 11.25 10.10 -28.25
N LEU B 529 10.56 10.34 -27.13
CA LEU B 529 11.10 11.22 -26.10
C LEU B 529 12.37 10.66 -25.50
N LEU B 530 12.41 9.35 -25.25
CA LEU B 530 13.62 8.74 -24.71
C LEU B 530 14.80 8.93 -25.65
N GLN B 531 14.59 8.69 -26.94
CA GLN B 531 15.66 8.88 -27.92
C GLN B 531 16.10 10.32 -27.99
N ALA B 532 15.15 11.25 -27.95
CA ALA B 532 15.49 12.67 -27.99
C ALA B 532 16.35 13.05 -26.78
N ILE B 533 15.97 12.56 -25.60
CA ILE B 533 16.76 12.83 -24.40
C ILE B 533 18.17 12.26 -24.54
N ALA B 534 18.25 11.00 -24.98
CA ALA B 534 19.55 10.35 -25.08
C ALA B 534 20.36 10.84 -26.27
N LYS B 535 19.69 11.27 -27.34
CA LYS B 535 20.42 11.74 -28.51
C LYS B 535 21.40 12.85 -28.16
N ASP B 536 21.08 13.66 -27.15
CA ASP B 536 21.97 14.69 -26.66
C ASP B 536 22.74 14.18 -25.46
N ASN B 537 24.04 14.48 -25.41
CA ASN B 537 24.89 14.02 -24.31
C ASN B 537 24.63 14.89 -23.07
N ILE B 538 23.40 14.78 -22.57
CA ILE B 538 22.99 15.49 -21.37
C ILE B 538 23.05 14.58 -20.14
N ILE B 539 22.57 13.35 -20.27
CA ILE B 539 22.63 12.35 -19.22
C ILE B 539 23.70 11.33 -19.61
N PRO B 540 24.80 11.22 -18.87
CA PRO B 540 25.92 10.40 -19.34
C PRO B 540 25.56 8.94 -19.59
N PHE B 541 24.69 8.34 -18.77
CA PHE B 541 24.44 6.92 -18.86
C PHE B 541 23.29 6.57 -19.81
N LEU B 542 22.72 7.54 -20.51
CA LEU B 542 21.72 7.29 -21.52
C LEU B 542 22.28 7.33 -22.93
N ARG B 543 23.61 7.40 -23.07
CA ARG B 543 24.22 7.51 -24.40
C ARG B 543 23.89 6.31 -25.26
N VAL B 544 23.92 5.10 -24.69
CA VAL B 544 23.65 3.91 -25.48
C VAL B 544 22.24 3.92 -26.04
N PHE B 545 21.30 4.58 -25.36
CA PHE B 545 19.92 4.61 -25.81
C PHE B 545 19.72 5.64 -26.90
N GLY B 546 20.53 5.56 -27.95
CA GLY B 546 20.43 6.49 -29.06
C GLY B 546 20.86 5.82 -30.35
N HIS B 547 20.73 6.56 -31.44
CA HIS B 547 21.09 6.06 -32.77
C HIS B 547 20.35 4.76 -33.08
N GLY B 548 19.03 4.83 -33.02
CA GLY B 548 18.20 3.68 -33.28
C GLY B 548 18.25 3.23 -34.72
N LYS B 549 17.27 2.42 -35.14
CA LYS B 549 17.26 1.92 -36.51
C LYS B 549 17.25 3.08 -37.50
N VAL B 550 17.61 2.77 -38.74
CA VAL B 550 17.63 3.80 -39.78
C VAL B 550 16.26 4.44 -39.88
N ASN B 551 16.24 5.66 -40.43
CA ASN B 551 15.04 6.48 -40.58
C ASN B 551 14.64 7.14 -39.27
N GLY B 552 15.46 7.03 -38.23
CA GLY B 552 15.18 7.68 -36.97
C GLY B 552 14.24 6.94 -36.05
N GLU B 553 13.80 5.73 -36.41
CA GLU B 553 12.90 4.99 -35.55
C GLU B 553 13.60 4.68 -34.22
N PRO B 554 12.86 4.68 -33.10
CA PRO B 554 13.50 4.44 -31.80
C PRO B 554 13.75 2.95 -31.58
N THR B 555 15.02 2.60 -31.41
CA THR B 555 15.41 1.23 -31.11
C THR B 555 16.39 1.23 -29.96
N TRP B 556 16.33 0.17 -29.15
CA TRP B 556 17.17 0.04 -27.96
C TRP B 556 16.66 0.95 -26.84
N ALA B 557 15.68 1.80 -27.15
CA ALA B 557 14.91 2.52 -26.15
C ALA B 557 13.51 1.98 -26.01
N LEU B 558 12.91 1.51 -27.10
CA LEU B 558 11.68 0.75 -27.01
C LEU B 558 11.83 -0.41 -26.04
N LEU B 559 13.01 -1.02 -25.98
CA LEU B 559 13.24 -2.09 -25.02
C LEU B 559 13.11 -1.58 -23.60
N LEU B 560 13.73 -0.44 -23.29
CA LEU B 560 13.64 0.10 -21.93
C LEU B 560 12.21 0.46 -21.57
N THR B 561 11.48 1.10 -22.49
CA THR B 561 10.10 1.45 -22.21
C THR B 561 9.25 0.20 -22.02
N ALA B 562 9.49 -0.84 -22.83
CA ALA B 562 8.74 -2.07 -22.70
C ALA B 562 9.01 -2.75 -21.36
N LEU B 563 10.27 -2.76 -20.92
CA LEU B 563 10.57 -3.34 -19.61
C LEU B 563 9.92 -2.54 -18.48
N ILE B 564 9.91 -1.21 -18.60
CA ILE B 564 9.25 -0.40 -17.58
C ILE B 564 7.76 -0.74 -17.53
N ALA B 565 7.13 -0.83 -18.70
CA ALA B 565 5.71 -1.18 -18.75
C ALA B 565 5.47 -2.58 -18.20
N GLU B 566 6.39 -3.50 -18.47
CA GLU B 566 6.24 -4.86 -17.96
C GLU B 566 6.34 -4.89 -16.45
N LEU B 567 7.25 -4.11 -15.87
CA LEU B 567 7.31 -4.01 -14.41
C LEU B 567 6.01 -3.43 -13.87
N GLY B 568 5.49 -2.38 -14.50
CA GLY B 568 4.23 -1.83 -14.07
C GLY B 568 3.11 -2.86 -14.11
N ILE B 569 3.06 -3.66 -15.17
CA ILE B 569 2.05 -4.71 -15.28
C ILE B 569 2.23 -5.73 -14.16
N LEU B 570 3.47 -6.16 -13.93
CA LEU B 570 3.74 -7.10 -12.86
C LEU B 570 3.24 -6.57 -11.53
N ILE B 571 3.33 -5.26 -11.31
CA ILE B 571 2.71 -4.67 -10.13
C ILE B 571 1.21 -4.91 -10.17
N ALA B 572 0.59 -4.70 -11.33
CA ALA B 572 -0.82 -4.94 -11.58
C ALA B 572 -1.74 -4.19 -10.61
N SER B 573 -1.20 -3.23 -9.86
CA SER B 573 -1.99 -2.42 -8.95
C SER B 573 -1.55 -0.96 -9.04
N LEU B 574 -1.29 -0.50 -10.26
CA LEU B 574 -0.79 0.87 -10.45
C LEU B 574 -1.80 1.91 -10.01
N ASP B 575 -3.07 1.53 -9.86
CA ASP B 575 -4.07 2.47 -9.36
C ASP B 575 -3.71 3.00 -7.98
N MET B 576 -2.88 2.28 -7.22
CA MET B 576 -2.47 2.76 -5.91
C MET B 576 -1.72 4.08 -6.04
N VAL B 577 -0.69 4.12 -6.88
CA VAL B 577 0.02 5.38 -7.17
C VAL B 577 -0.65 5.98 -8.39
N ALA B 578 -1.81 6.59 -8.17
CA ALA B 578 -2.51 7.33 -9.20
C ALA B 578 -1.95 8.75 -9.32
N PRO B 579 -1.82 9.47 -8.20
CA PRO B 579 -1.45 10.89 -8.29
C PRO B 579 -0.05 11.15 -8.82
N ILE B 580 0.84 10.16 -8.82
CA ILE B 580 2.21 10.42 -9.23
C ILE B 580 2.27 10.81 -10.71
N LEU B 581 1.54 10.07 -11.56
CA LEU B 581 1.53 10.40 -12.98
C LEU B 581 0.88 11.77 -13.22
N SER B 582 -0.19 12.07 -12.48
CA SER B 582 -0.81 13.38 -12.59
C SER B 582 0.17 14.49 -12.21
N MET B 583 0.93 14.27 -11.14
CA MET B 583 1.92 15.27 -10.74
C MET B 583 2.98 15.45 -11.81
N PHE B 584 3.44 14.35 -12.40
CA PHE B 584 4.44 14.46 -13.46
C PHE B 584 3.89 15.24 -14.65
N PHE B 585 2.67 14.92 -15.08
CA PHE B 585 2.09 15.62 -16.22
C PHE B 585 1.90 17.10 -15.93
N LEU B 586 1.40 17.43 -14.74
CA LEU B 586 1.20 18.84 -14.39
C LEU B 586 2.53 19.57 -14.31
N MET B 587 3.56 18.92 -13.77
CA MET B 587 4.88 19.55 -13.75
C MET B 587 5.38 19.83 -15.15
N CYS B 588 5.21 18.87 -16.07
CA CYS B 588 5.65 19.08 -17.44
C CYS B 588 4.89 20.23 -18.09
N TYR B 589 3.57 20.28 -17.90
CA TYR B 589 2.78 21.35 -18.49
C TYR B 589 3.16 22.71 -17.93
N LEU B 590 3.35 22.79 -16.60
CA LEU B 590 3.74 24.05 -15.99
C LEU B 590 5.10 24.50 -16.48
N PHE B 591 6.04 23.56 -16.62
CA PHE B 591 7.36 23.93 -17.12
C PHE B 591 7.29 24.40 -18.57
N VAL B 592 6.43 23.77 -19.38
CA VAL B 592 6.25 24.24 -20.75
C VAL B 592 5.72 25.67 -20.75
N ASN B 593 4.73 25.95 -19.90
CA ASN B 593 4.18 27.29 -19.82
C ASN B 593 5.25 28.30 -19.41
N LEU B 594 6.04 27.96 -18.40
CA LEU B 594 7.09 28.87 -17.94
C LEU B 594 8.14 29.09 -19.01
N ALA B 595 8.51 28.03 -19.73
CA ALA B 595 9.47 28.17 -20.82
C ALA B 595 8.93 29.09 -21.89
N CYS B 596 7.66 28.94 -22.25
CA CYS B 596 7.07 29.85 -23.23
C CYS B 596 7.11 31.28 -22.74
N ALA B 597 6.76 31.51 -21.48
CA ALA B 597 6.77 32.87 -20.94
C ALA B 597 8.16 33.47 -21.00
N VAL B 598 9.17 32.73 -20.54
CA VAL B 598 10.53 33.25 -20.53
C VAL B 598 11.03 33.51 -21.95
N GLN B 599 10.77 32.57 -22.86
CA GLN B 599 11.23 32.72 -24.24
C GLN B 599 10.61 33.96 -24.88
N THR B 600 9.30 34.15 -24.69
CA THR B 600 8.68 35.36 -25.22
C THR B 600 9.28 36.60 -24.58
N LEU B 601 9.55 36.55 -23.27
CA LEU B 601 10.15 37.70 -22.61
C LEU B 601 11.55 37.99 -23.15
N LEU B 602 12.34 36.94 -23.37
CA LEU B 602 13.75 37.11 -23.77
C LEU B 602 13.86 37.35 -25.28
N ARG B 603 13.21 38.41 -25.74
CA ARG B 603 13.30 38.84 -27.13
C ARG B 603 12.93 37.71 -28.09
N THR B 604 11.66 37.28 -28.01
CA THR B 604 11.17 36.23 -28.88
C THR B 604 10.38 36.85 -30.02
N PRO B 605 10.84 36.78 -31.26
CA PRO B 605 10.06 37.32 -32.38
C PRO B 605 8.85 36.48 -32.75
N ASN B 606 8.77 35.24 -32.28
CA ASN B 606 7.64 34.37 -32.60
C ASN B 606 6.33 35.00 -32.14
N TRP B 607 5.45 35.34 -33.08
CA TRP B 607 4.19 35.96 -32.75
C TRP B 607 3.13 35.52 -33.75
N ARG B 608 1.91 35.37 -33.25
CA ARG B 608 0.76 35.03 -34.08
C ARG B 608 0.26 36.29 -34.79
N PRO B 609 -0.80 36.17 -35.59
CA PRO B 609 -1.34 37.38 -36.23
C PRO B 609 -1.70 38.47 -35.24
N ARG B 610 -2.20 38.10 -34.06
CA ARG B 610 -2.46 39.09 -33.01
C ARG B 610 -1.14 39.62 -32.47
N PHE B 611 -1.02 40.94 -32.42
CA PHE B 611 0.19 41.61 -31.93
C PHE B 611 -0.10 42.20 -30.56
N LYS B 612 0.54 41.63 -29.54
CA LYS B 612 0.39 42.12 -28.17
C LYS B 612 1.30 41.29 -27.27
N TYR B 613 1.49 41.76 -26.04
CA TYR B 613 2.28 41.08 -25.04
C TYR B 613 1.42 40.33 -24.03
N TYR B 614 0.13 40.16 -24.29
CA TYR B 614 -0.75 39.46 -23.38
C TYR B 614 -0.41 37.98 -23.25
N HIS B 615 0.43 37.44 -24.14
CA HIS B 615 0.82 36.04 -24.03
C HIS B 615 1.57 35.79 -22.73
N TRP B 616 2.36 36.76 -22.28
CA TRP B 616 3.03 36.63 -20.99
C TRP B 616 2.04 36.40 -19.88
N ALA B 617 1.01 37.26 -19.80
CA ALA B 617 0.01 37.12 -18.76
C ALA B 617 -0.76 35.82 -18.90
N LEU B 618 -1.08 35.42 -20.14
CA LEU B 618 -1.82 34.18 -20.34
C LEU B 618 -1.03 32.98 -19.84
N SER B 619 0.26 32.92 -20.20
CA SER B 619 1.09 31.81 -19.75
C SER B 619 1.23 31.80 -18.24
N PHE B 620 1.44 32.98 -17.64
CA PHE B 620 1.55 33.03 -16.18
C PHE B 620 0.26 32.56 -15.53
N LEU B 621 -0.89 32.97 -16.06
CA LEU B 621 -2.16 32.57 -15.50
C LEU B 621 -2.33 31.06 -15.57
N GLY B 622 -2.02 30.46 -16.72
CA GLY B 622 -2.14 29.01 -16.82
C GLY B 622 -1.20 28.28 -15.90
N MET B 623 0.05 28.74 -15.82
CA MET B 623 1.04 28.10 -14.96
C MET B 623 0.58 28.13 -13.51
N SER B 624 0.17 29.30 -13.02
CA SER B 624 -0.34 29.37 -11.65
C SER B 624 -1.57 28.50 -11.48
N LEU B 625 -2.49 28.57 -12.43
CA LEU B 625 -3.76 27.85 -12.33
C LEU B 625 -3.52 26.38 -12.09
N CYS B 626 -2.89 25.69 -13.05
CA CYS B 626 -2.67 24.26 -12.86
C CYS B 626 -1.26 23.92 -12.40
N LEU B 627 -0.67 24.81 -11.60
CA LEU B 627 0.26 24.40 -10.56
C LEU B 627 -0.47 24.27 -9.24
N ALA B 628 -1.29 25.28 -8.90
CA ALA B 628 -2.19 25.13 -7.77
C ALA B 628 -3.14 23.96 -7.96
N LEU B 629 -3.44 23.64 -9.23
CA LEU B 629 -4.25 22.45 -9.51
C LEU B 629 -3.58 21.19 -8.98
N MET B 630 -2.31 20.99 -9.32
CA MET B 630 -1.59 19.83 -8.80
C MET B 630 -1.46 19.89 -7.28
N PHE B 631 -1.23 21.10 -6.75
CA PHE B 631 -1.11 21.24 -5.30
C PHE B 631 -2.36 20.76 -4.60
N VAL B 632 -3.52 21.24 -5.02
CA VAL B 632 -4.78 20.84 -4.42
C VAL B 632 -5.07 19.36 -4.70
N SER B 633 -4.68 18.87 -5.88
CA SER B 633 -4.86 17.46 -6.18
C SER B 633 -4.18 16.59 -5.15
N SER B 634 -2.84 16.68 -5.06
CA SER B 634 -2.14 16.00 -3.97
C SER B 634 -0.80 16.70 -3.73
N TRP B 635 -0.78 17.62 -2.76
CA TRP B 635 0.50 18.18 -2.34
C TRP B 635 1.43 17.11 -1.78
N TYR B 636 0.86 16.08 -1.14
CA TYR B 636 1.67 15.03 -0.55
C TYR B 636 2.61 14.42 -1.58
N TYR B 637 2.09 14.09 -2.75
CA TYR B 637 2.91 13.54 -3.83
C TYR B 637 3.54 14.62 -4.70
N ALA B 638 3.00 15.83 -4.70
CA ALA B 638 3.65 16.92 -5.42
C ALA B 638 5.01 17.22 -4.82
N LEU B 639 5.12 17.15 -3.48
CA LEU B 639 6.43 17.34 -2.85
C LEU B 639 7.42 16.28 -3.31
N VAL B 640 6.99 15.02 -3.39
CA VAL B 640 7.88 13.95 -3.82
C VAL B 640 8.29 14.16 -5.28
N ALA B 641 7.34 14.54 -6.13
CA ALA B 641 7.68 14.78 -7.53
C ALA B 641 8.67 15.93 -7.68
N MET B 642 8.47 17.01 -6.92
CA MET B 642 9.41 18.12 -6.96
C MET B 642 10.78 17.68 -6.47
N LEU B 643 10.83 16.84 -5.43
CA LEU B 643 12.12 16.35 -4.95
C LEU B 643 12.82 15.52 -6.02
N ILE B 644 12.08 14.66 -6.72
CA ILE B 644 12.69 13.86 -7.78
C ILE B 644 13.21 14.75 -8.90
N ALA B 645 12.43 15.75 -9.29
CA ALA B 645 12.87 16.68 -10.33
C ALA B 645 14.13 17.40 -9.89
N GLY B 646 14.18 17.85 -8.63
CA GLY B 646 15.37 18.51 -8.14
C GLY B 646 16.58 17.59 -8.13
N MET B 647 16.39 16.33 -7.76
CA MET B 647 17.49 15.39 -7.78
C MET B 647 18.03 15.19 -9.19
N ILE B 648 17.13 15.06 -10.17
CA ILE B 648 17.59 14.89 -11.55
C ILE B 648 18.31 16.15 -12.03
N TYR B 649 17.80 17.32 -11.63
CA TYR B 649 18.46 18.58 -12.02
C TYR B 649 19.86 18.66 -11.42
N LYS B 650 20.01 18.27 -10.15
CA LYS B 650 21.32 18.28 -9.53
C LYS B 650 22.26 17.29 -10.20
N TYR B 651 21.75 16.12 -10.58
CA TYR B 651 22.58 15.16 -11.28
C TYR B 651 23.04 15.71 -12.64
N ILE B 652 22.13 16.38 -13.36
CA ILE B 652 22.51 16.99 -14.62
C ILE B 652 23.60 18.04 -14.40
N GLU B 653 23.44 18.86 -13.37
CA GLU B 653 24.46 19.87 -13.08
C GLU B 653 25.81 19.21 -12.78
N TYR B 654 25.78 18.11 -12.02
CA TYR B 654 27.02 17.38 -11.73
C TYR B 654 27.67 16.87 -13.00
N GLN B 655 26.86 16.35 -13.94
CA GLN B 655 27.40 15.79 -15.16
C GLN B 655 28.14 16.83 -15.99
N GLY B 656 27.90 18.12 -15.76
CA GLY B 656 28.57 19.16 -16.49
C GLY B 656 29.80 19.70 -15.79
C1 NAG C . -16.59 -26.15 18.02
C2 NAG C . -15.34 -26.95 17.61
C3 NAG C . -15.71 -28.40 17.27
C4 NAG C . -16.69 -28.45 16.12
C5 NAG C . -17.58 -27.20 16.12
C6 NAG C . -18.95 -27.45 15.56
C7 NAG C . -13.43 -25.81 16.58
C8 NAG C . -12.77 -25.93 17.93
N2 NAG C . -14.66 -26.31 16.49
O3 NAG C . -16.28 -29.02 18.41
O4 NAG C . -15.99 -28.52 14.88
O5 NAG C . -17.75 -26.76 17.47
O6 NAG C . -19.87 -27.80 16.60
O7 NAG C . -12.87 -25.28 15.63
C1 NAG C . -16.78 -29.17 13.88
C2 NAG C . -17.66 -30.25 14.54
C3 NAG C . -18.59 -30.90 13.52
C4 NAG C . -19.37 -29.84 12.75
C5 NAG C . -18.41 -28.81 12.15
C6 NAG C . -19.12 -27.67 11.46
C7 NAG C . -15.98 -32.06 14.61
C8 NAG C . -15.83 -31.89 13.13
N2 NAG C . -16.87 -31.26 15.22
O3 NAG C . -19.50 -31.78 14.18
O4 NAG C . -20.13 -30.43 11.71
O5 NAG C . -17.62 -28.23 13.19
O6 NAG C . -19.14 -27.85 10.05
O7 NAG C . -15.33 -32.89 15.23
C1 NAG D . -26.58 -25.44 28.83
C2 NAG D . -25.64 -26.32 29.66
C3 NAG D . -25.87 -27.79 29.35
C4 NAG D . -27.35 -28.15 29.52
C5 NAG D . -28.20 -27.20 28.67
C6 NAG D . -29.69 -27.42 28.87
C7 NAG D . -23.24 -26.41 30.19
C8 NAG D . -21.87 -25.95 29.81
N2 NAG D . -24.25 -25.96 29.44
O3 NAG D . -25.09 -28.60 30.21
O4 NAG D . -27.57 -29.49 29.11
O5 NAG D . -27.93 -25.85 29.05
O6 NAG D . -30.12 -28.63 28.27
O7 NAG D . -23.43 -27.17 31.14
C1 NAG D . -28.39 -30.19 30.06
C2 NAG D . -28.29 -29.53 31.45
C3 NAG D . -29.24 -30.22 32.43
C4 NAG D . -30.66 -30.28 31.87
C5 NAG D . -30.65 -30.91 30.49
C6 NAG D . -32.00 -30.89 29.83
C7 NAG D . -26.45 -28.66 32.81
C8 NAG D . -25.02 -28.83 33.23
N2 NAG D . -26.93 -29.56 31.95
O3 NAG D . -29.22 -29.53 33.67
O4 NAG D . -31.50 -31.03 32.73
O5 NAG D . -29.76 -30.20 29.62
O6 NAG D . -32.97 -30.24 30.64
O7 NAG D . -27.14 -27.73 33.23
C1 NAG E . -34.18 10.40 2.90
C2 NAG E . -33.58 11.77 2.55
C3 NAG E . -34.28 12.88 3.33
C4 NAG E . -34.11 12.68 4.83
C5 NAG E . -34.02 11.19 5.14
C6 NAG E . -34.58 10.84 6.50
C7 NAG E . -31.25 11.96 1.82
C8 NAG E . -31.79 12.12 0.44
N2 NAG E . -32.15 11.79 2.80
O3 NAG E . -35.66 12.89 2.99
O4 NAG E . -32.94 13.34 5.28
O5 NAG E . -34.78 10.46 4.19
O6 NAG E . -35.95 10.49 6.42
O7 NAG E . -30.04 11.98 2.05
C1 NAG E . -33.07 13.71 6.67
C2 NAG E . -34.54 14.05 6.97
C3 NAG E . -34.73 14.36 8.46
C4 NAG E . -34.15 13.23 9.30
C5 NAG E . -32.71 12.95 8.92
C6 NAG E . -32.10 11.78 9.65
C7 NAG E . -34.50 16.39 6.18
C8 NAG E . -33.37 16.63 7.14
N2 NAG E . -35.02 15.16 6.15
O3 NAG E . -36.11 14.53 8.74
O4 NAG E . -34.20 13.58 10.68
O5 NAG E . -32.63 12.64 7.53
O6 NAG E . -31.30 12.22 10.75
O7 NAG E . -34.95 17.30 5.47
C1 NAG F . -46.64 2.72 1.33
C2 NAG F . -47.08 3.75 0.29
C3 NAG F . -47.73 4.96 0.99
C4 NAG F . -48.85 4.49 1.89
C5 NAG F . -48.34 3.43 2.87
C6 NAG F . -49.44 2.85 3.74
C7 NAG F . -46.08 4.91 -1.63
C8 NAG F . -44.80 5.26 -2.34
N2 NAG F . -45.95 4.19 -0.51
O3 NAG F . -48.23 5.86 0.01
O4 NAG F . -49.38 5.61 2.61
O5 NAG F . -47.77 2.34 2.13
O6 NAG F . -49.90 3.78 4.70
O7 NAG F . -47.17 5.27 -2.04
C1 NAG F . -50.82 5.61 2.59
C2 NAG F . -51.35 4.82 1.38
C3 NAG F . -52.88 4.76 1.42
C4 NAG F . -53.35 4.21 2.75
C5 NAG F . -52.76 5.02 3.90
C6 NAG F . -53.11 4.48 5.27
C7 NAG F . -50.74 4.71 -0.99
C8 NAG F . -50.26 5.48 -2.18
N2 NAG F . -50.90 5.42 0.14
O3 NAG F . -53.33 3.92 0.36
O4 NAG F . -54.77 4.27 2.84
O5 NAG F . -51.32 5.03 3.81
O6 NAG F . -53.88 3.30 5.17
O7 NAG F . -50.95 3.50 -1.03
N3 JUX G . 9.83 -3.08 15.13
C4 JUX G . 3.24 -5.38 15.92
C5 JUX G . 3.66 -3.88 18.57
C6 JUX G . 2.26 -2.74 19.65
C7 JUX G . 1.34 -1.80 20.36
C8 JUX G . 2.05 -4.09 19.87
C15 JUX G . 12.92 -5.20 13.22
C17 JUX G . 13.70 -6.33 11.25
N JUX G . 4.78 -4.18 17.71
CA JUX G . 4.54 -4.68 16.35
C JUX G . 4.40 -6.21 16.41
CG JUX G . 9.21 -5.01 13.30
CD1 JUX G . 8.21 -4.42 14.05
CD2 JUX G . 10.52 -4.62 13.52
CE1 JUX G . 8.53 -3.44 14.98
CE2 JUX G . 11.63 -5.23 12.72
OH JUX G . 6.20 -2.89 19.02
C1 JUX G . 6.06 -3.61 18.06
C16 JUX G . 13.97 -5.76 12.48
C18 JUX G . 12.41 -6.35 10.75
C19 JUX G . 11.37 -5.79 11.49
C9 JUX G . 7.22 -3.91 17.14
N2 JUX G . 3.31 -2.60 18.82
N4 JUX G . 10.79 -3.66 14.43
S1 JUX G . 2.94 -4.91 19.20
S2 JUX G . 7.30 -2.67 15.91
H4 JUX G . 3.04 -5.42 14.85
H5 JUX G . 2.39 -5.30 16.61
H7 JUX G . 1.83 -0.88 20.55
H8 JUX G . 1.01 -2.23 21.26
H6 JUX G . 0.49 -1.61 19.74
H9 JUX G . 1.30 -4.56 20.48
H14 JUX G . 13.13 -4.75 14.18
H16 JUX G . 14.51 -6.77 10.66
H1 JUX G . 5.19 -4.39 15.52
H3 JUX G . 4.95 -6.76 15.66
H2 JUX G . 4.31 -6.63 17.42
H13 JUX G . 8.98 -5.78 12.57
H12 JUX G . 7.17 -4.71 13.90
H15 JUX G . 14.98 -5.75 12.87
H17 JUX G . 12.20 -6.80 9.78
H18 JUX G . 10.36 -5.80 11.09
H11 JUX G . 7.09 -4.90 16.68
H10 JUX G . 8.14 -3.93 17.71
N3 JUX H . -5.67 4.38 -16.83
C4 JUX H . -11.12 3.00 -12.64
C5 JUX H . -11.88 1.41 -15.16
C6 JUX H . -12.81 -0.47 -15.27
C7 JUX H . -13.33 -1.88 -15.37
C8 JUX H . -13.74 0.51 -15.01
C15 JUX H . -3.65 8.08 -17.01
C17 JUX H . -2.45 9.80 -15.83
N JUX H . -10.82 2.39 -15.20
CA JUX H . -10.31 2.96 -13.96
C JUX H . -11.17 4.18 -13.59
CG JUX H . -5.76 6.08 -14.70
CD1 JUX H . -6.54 4.94 -14.70
CD2 JUX H . -4.94 6.34 -15.78
CE1 JUX H . -6.49 4.09 -15.80
CE2 JUX H . -4.08 7.55 -15.80
OH JUX H . -10.22 1.69 -17.34
C1 JUX H . -10.04 2.45 -16.41
C16 JUX H . -2.84 9.22 -17.03
C18 JUX H . -2.87 9.27 -14.62
C19 JUX H . -3.68 8.14 -14.60
C9 JUX H . -8.89 3.44 -16.43
N2 JUX H . -11.60 0.10 -15.37
N4 JUX H . -4.91 5.48 -16.83
S1 JUX H . -13.20 1.79 -14.92
S2 JUX H . -7.45 2.66 -15.84
H4 JUX H . -10.54 3.13 -11.73
H5 JUX H . -12.02 2.38 -12.62
H7 JUX H . -12.71 -2.44 -16.03
H8 JUX H . -14.32 -1.86 -15.73
H6 JUX H . -13.30 -2.33 -14.41
H9 JUX H . -14.81 0.41 -14.85
H14 JUX H . -3.96 7.62 -17.94
H16 JUX H . -1.82 10.68 -15.84
H1 JUX H . -9.25 3.19 -13.83
H3 JUX H . -10.61 5.07 -13.26
H2 JUX H . -12.08 4.31 -14.15
H13 JUX H . -5.79 6.76 -13.85
H12 JUX H . -7.20 4.71 -13.87
H15 JUX H . -2.52 9.63 -17.97
H17 JUX H . -2.56 9.72 -13.69
H18 JUX H . -4.00 7.72 -13.65
H11 JUX H . -9.14 4.31 -15.83
H10 JUX H . -8.73 3.77 -17.46
#